data_6BXT
#
_entry.id   6BXT
#
_cell.length_a   78.230
_cell.length_b   49.520
_cell.length_c   115.710
_cell.angle_alpha   90.000
_cell.angle_beta   96.630
_cell.angle_gamma   90.000
#
_symmetry.space_group_name_H-M   'P 1 21 1'
#
loop_
_entity.id
_entity.type
_entity.pdbx_description
1 polymer 'mitochondrial association factor 1'
2 non-polymer ADENOSINE-5-DIPHOSPHORIBOSE
3 water water
#
_entity_poly.entity_id   1
_entity_poly.type   'polypeptide(L)'
_entity_poly.pdbx_seq_one_letter_code
;GSMGTPDPLTLRFTCLGDRNVIFFGPSGRQDGFTPLYDPSPSKRVATVDAGTYGLFIGGVGMNGEFADTIIEEARRNRIP
LTATELSAESQEIQERLLHDAERQPGTLVEIDSGRFSRVFARSFAYVAIVPNTVWDESETGKNVGATFLHILKPEVTPHG
NEMNDVMLYTVAPFGNASDSAYNMAYKATMLGIVGAVSEYNKTPWGEVKPVEAIRLPLLGAGHFRGRRGLHSIGRANAVA
VEAAITRFDPRVELQFMYEPSDTALRGLMESERKYKFPQGD
;
_entity_poly.pdbx_strand_id   A,B,C
#
loop_
_chem_comp.id
_chem_comp.type
_chem_comp.name
_chem_comp.formula
APR non-polymer ADENOSINE-5-DIPHOSPHORIBOSE 'C15 H23 N5 O14 P2'
#
# COMPACT_ATOMS: atom_id res chain seq x y z
N PRO A 8 -20.12 -31.77 -16.85
CA PRO A 8 -19.55 -30.50 -17.32
C PRO A 8 -20.22 -30.00 -18.59
N LEU A 9 -21.26 -29.18 -18.44
CA LEU A 9 -21.96 -28.63 -19.59
C LEU A 9 -21.12 -27.56 -20.28
N THR A 10 -20.59 -27.90 -21.46
CA THR A 10 -19.76 -26.98 -22.24
C THR A 10 -20.59 -26.27 -23.31
N LEU A 11 -20.56 -24.95 -23.30
CA LEU A 11 -21.28 -24.14 -24.28
C LEU A 11 -20.37 -23.04 -24.84
N ARG A 12 -20.25 -23.00 -26.16
CA ARG A 12 -19.52 -21.93 -26.82
C ARG A 12 -20.39 -20.67 -26.86
N PHE A 13 -19.80 -19.53 -26.49
CA PHE A 13 -20.54 -18.28 -26.41
C PHE A 13 -20.04 -17.27 -27.45
N THR A 14 -20.96 -16.79 -28.28
CA THR A 14 -20.60 -15.88 -29.36
C THR A 14 -20.22 -14.50 -28.84
N CYS A 15 -20.87 -14.06 -27.77
CA CYS A 15 -20.61 -12.75 -27.20
C CYS A 15 -19.26 -12.70 -26.47
N LEU A 16 -18.67 -13.87 -26.23
CA LEU A 16 -17.35 -13.96 -25.62
C LEU A 16 -16.28 -14.26 -26.68
N GLY A 17 -16.63 -14.01 -27.93
CA GLY A 17 -15.72 -14.24 -29.04
C GLY A 17 -15.43 -15.71 -29.27
N ASP A 18 -16.48 -16.50 -29.38
CA ASP A 18 -16.37 -17.94 -29.61
C ASP A 18 -15.45 -18.61 -28.58
N ARG A 19 -15.85 -18.53 -27.32
CA ARG A 19 -15.13 -19.16 -26.23
C ARG A 19 -15.99 -20.22 -25.55
N ASN A 20 -15.38 -21.36 -25.25
CA ASN A 20 -16.06 -22.44 -24.55
C ASN A 20 -16.08 -22.20 -23.05
N VAL A 21 -17.29 -22.08 -22.50
CA VAL A 21 -17.49 -21.88 -21.07
C VAL A 21 -18.21 -23.08 -20.47
N ILE A 22 -17.77 -23.50 -19.29
CA ILE A 22 -18.30 -24.69 -18.64
C ILE A 22 -19.26 -24.33 -17.51
N PHE A 23 -20.29 -25.16 -17.33
CA PHE A 23 -21.31 -24.94 -16.31
C PHE A 23 -21.65 -26.25 -15.60
N PHE A 24 -21.06 -26.46 -14.42
CA PHE A 24 -21.31 -27.68 -13.67
C PHE A 24 -22.77 -27.77 -13.20
N GLY A 25 -23.31 -28.97 -13.25
CA GLY A 25 -24.62 -29.24 -12.70
C GLY A 25 -24.49 -29.62 -11.24
N PRO A 26 -25.55 -30.17 -10.64
CA PRO A 26 -25.45 -30.58 -9.23
C PRO A 26 -24.50 -31.77 -9.07
N SER A 27 -24.10 -32.05 -7.84
CA SER A 27 -23.18 -33.15 -7.56
C SER A 27 -23.74 -34.10 -6.52
N GLY A 28 -22.94 -35.09 -6.14
CA GLY A 28 -23.32 -36.03 -5.10
C GLY A 28 -23.11 -35.43 -3.72
N ARG A 29 -23.82 -34.34 -3.46
CA ARG A 29 -23.76 -33.66 -2.17
C ARG A 29 -25.17 -33.21 -1.75
N GLN A 30 -25.36 -32.99 -0.46
CA GLN A 30 -26.63 -32.46 0.02
C GLN A 30 -26.87 -31.07 -0.56
N ASP A 31 -25.78 -30.34 -0.78
CA ASP A 31 -25.84 -28.96 -1.25
C ASP A 31 -25.76 -28.89 -2.77
N GLY A 32 -25.01 -29.81 -3.37
CA GLY A 32 -24.86 -29.88 -4.81
C GLY A 32 -23.70 -29.06 -5.33
N PHE A 33 -22.99 -28.39 -4.43
CA PHE A 33 -21.87 -27.55 -4.81
C PHE A 33 -20.79 -28.33 -5.55
N THR A 34 -20.13 -27.65 -6.49
CA THR A 34 -19.00 -28.23 -7.21
C THR A 34 -17.79 -28.27 -6.28
N PRO A 35 -16.96 -29.32 -6.40
CA PRO A 35 -15.74 -29.32 -5.59
C PRO A 35 -14.77 -28.21 -6.00
N LEU A 36 -14.06 -27.65 -5.02
CA LEU A 36 -13.09 -26.59 -5.30
C LEU A 36 -12.06 -27.06 -6.32
N TYR A 37 -11.50 -28.25 -6.09
CA TYR A 37 -10.52 -28.82 -7.00
C TYR A 37 -10.83 -30.29 -7.25
N ASP A 38 -10.44 -30.78 -8.43
CA ASP A 38 -10.68 -32.16 -8.80
C ASP A 38 -9.57 -33.06 -8.24
N PRO A 39 -9.88 -34.36 -8.04
CA PRO A 39 -8.87 -35.30 -7.52
C PRO A 39 -7.77 -35.59 -8.54
N SER A 40 -8.15 -35.81 -9.79
CA SER A 40 -7.20 -36.11 -10.86
C SER A 40 -7.44 -35.22 -12.08
N PRO A 41 -7.11 -33.93 -11.96
CA PRO A 41 -7.29 -32.95 -13.05
C PRO A 41 -6.25 -33.07 -14.15
N SER A 42 -6.64 -32.72 -15.37
CA SER A 42 -5.73 -32.68 -16.51
C SER A 42 -5.18 -31.27 -16.70
N LYS A 43 -5.87 -30.29 -16.11
CA LYS A 43 -5.49 -28.88 -16.22
C LYS A 43 -5.14 -28.30 -14.85
N ARG A 44 -4.30 -27.28 -14.84
CA ARG A 44 -4.08 -26.48 -13.64
C ARG A 44 -5.24 -25.50 -13.49
N VAL A 45 -6.17 -25.83 -12.60
CA VAL A 45 -7.39 -25.04 -12.43
C VAL A 45 -7.31 -24.19 -11.16
N ALA A 46 -7.29 -22.87 -11.35
CA ALA A 46 -7.25 -21.93 -10.23
C ALA A 46 -8.66 -21.54 -9.81
N THR A 47 -9.09 -22.01 -8.65
CA THR A 47 -10.43 -21.73 -8.14
C THR A 47 -10.45 -20.40 -7.41
N VAL A 48 -11.56 -19.67 -7.55
CA VAL A 48 -11.68 -18.33 -6.99
C VAL A 48 -12.43 -18.34 -5.67
N ASP A 49 -11.75 -17.89 -4.62
CA ASP A 49 -12.36 -17.80 -3.30
C ASP A 49 -13.26 -16.56 -3.21
N ALA A 50 -14.53 -16.79 -2.88
CA ALA A 50 -15.45 -15.70 -2.65
C ALA A 50 -15.11 -15.03 -1.32
N GLY A 51 -14.14 -14.12 -1.35
CA GLY A 51 -13.60 -13.52 -0.15
C GLY A 51 -14.50 -12.53 0.55
N THR A 52 -14.01 -11.99 1.65
CA THR A 52 -14.76 -11.04 2.47
C THR A 52 -14.00 -9.71 2.59
N TYR A 53 -14.63 -8.74 3.25
CA TYR A 53 -14.04 -7.42 3.39
C TYR A 53 -12.80 -7.47 4.28
N GLY A 54 -12.77 -8.42 5.20
CA GLY A 54 -11.65 -8.58 6.10
C GLY A 54 -10.42 -9.15 5.43
N LEU A 55 -10.58 -9.61 4.18
CA LEU A 55 -9.46 -10.12 3.39
C LEU A 55 -8.75 -11.31 4.04
N PHE A 56 -9.47 -12.06 4.87
CA PHE A 56 -8.94 -13.26 5.51
C PHE A 56 -9.58 -14.52 4.93
N ILE A 57 -8.86 -15.64 5.01
CA ILE A 57 -9.38 -16.92 4.57
C ILE A 57 -9.96 -17.68 5.76
N GLY A 58 -11.27 -17.94 5.71
CA GLY A 58 -11.95 -18.62 6.79
C GLY A 58 -13.43 -18.31 6.77
N GLY A 59 -14.06 -18.36 7.94
CA GLY A 59 -15.49 -18.09 8.04
C GLY A 59 -16.30 -19.25 7.51
N VAL A 60 -17.38 -18.93 6.79
CA VAL A 60 -18.29 -19.93 6.25
C VAL A 60 -18.41 -19.79 4.74
N GLY A 61 -19.49 -20.33 4.17
CA GLY A 61 -19.70 -20.27 2.74
C GLY A 61 -18.57 -20.94 2.00
N MET A 62 -18.19 -20.36 0.86
CA MET A 62 -17.11 -20.91 0.05
C MET A 62 -15.74 -20.56 0.62
N ASN A 63 -15.65 -19.44 1.33
CA ASN A 63 -14.41 -19.05 1.98
C ASN A 63 -14.05 -20.04 3.07
N GLY A 64 -15.07 -20.66 3.67
CA GLY A 64 -14.86 -21.67 4.70
C GLY A 64 -14.31 -22.96 4.12
N GLU A 65 -14.72 -23.28 2.90
CA GLU A 65 -14.24 -24.49 2.23
C GLU A 65 -12.74 -24.44 1.98
N PHE A 66 -12.27 -23.31 1.45
CA PHE A 66 -10.86 -23.13 1.17
C PHE A 66 -10.02 -23.34 2.42
N ALA A 67 -10.48 -22.81 3.54
CA ALA A 67 -9.79 -22.98 4.81
C ALA A 67 -9.77 -24.45 5.21
N ASP A 68 -10.94 -25.08 5.24
CA ASP A 68 -11.04 -26.50 5.58
C ASP A 68 -10.12 -27.36 4.71
N THR A 69 -10.16 -27.11 3.41
CA THR A 69 -9.38 -27.88 2.44
C THR A 69 -7.88 -27.71 2.67
N ILE A 70 -7.45 -26.47 2.86
CA ILE A 70 -6.04 -26.18 3.10
C ILE A 70 -5.55 -26.82 4.40
N ILE A 71 -6.38 -26.71 5.44
CA ILE A 71 -6.01 -27.19 6.76
C ILE A 71 -5.98 -28.72 6.85
N GLU A 72 -6.95 -29.37 6.22
CA GLU A 72 -6.99 -30.83 6.20
C GLU A 72 -5.75 -31.38 5.52
N GLU A 73 -5.39 -30.79 4.38
CA GLU A 73 -4.22 -31.21 3.64
C GLU A 73 -2.94 -30.89 4.41
N ALA A 74 -2.99 -29.83 5.21
CA ALA A 74 -1.85 -29.46 6.04
C ALA A 74 -1.64 -30.48 7.14
N ARG A 75 -2.72 -30.83 7.84
CA ARG A 75 -2.66 -31.81 8.92
C ARG A 75 -2.33 -33.20 8.40
N ARG A 76 -2.77 -33.49 7.17
CA ARG A 76 -2.45 -34.75 6.54
C ARG A 76 -0.93 -34.88 6.32
N ASN A 77 -0.32 -33.79 5.90
CA ASN A 77 1.13 -33.74 5.70
C ASN A 77 1.86 -33.40 7.00
N ARG A 78 1.14 -33.49 8.11
CA ARG A 78 1.70 -33.28 9.45
C ARG A 78 2.34 -31.90 9.59
N ILE A 79 1.65 -30.88 9.06
CA ILE A 79 2.01 -29.49 9.30
C ILE A 79 1.02 -28.87 10.27
N PRO A 80 1.50 -28.41 11.43
CA PRO A 80 0.59 -27.68 12.33
C PRO A 80 0.04 -26.41 11.69
N LEU A 81 -1.26 -26.41 11.41
CA LEU A 81 -1.94 -25.25 10.83
C LEU A 81 -3.38 -25.19 11.32
N THR A 82 -3.69 -24.17 12.11
CA THR A 82 -5.04 -23.99 12.63
C THR A 82 -5.78 -22.94 11.84
N ALA A 83 -7.09 -22.84 12.08
CA ALA A 83 -7.94 -21.90 11.35
C ALA A 83 -7.57 -20.46 11.69
N THR A 84 -7.12 -20.22 12.92
CA THR A 84 -6.81 -18.88 13.37
C THR A 84 -5.48 -18.40 12.78
N GLU A 85 -4.54 -19.33 12.59
CA GLU A 85 -3.26 -19.00 11.98
C GLU A 85 -3.43 -18.69 10.50
N LEU A 86 -4.29 -19.46 9.84
CA LEU A 86 -4.53 -19.27 8.41
C LEU A 86 -5.26 -17.96 8.16
N SER A 87 -6.17 -17.60 9.06
CA SER A 87 -6.94 -16.38 8.93
C SER A 87 -6.05 -15.15 9.07
N ALA A 88 -5.16 -15.19 10.07
CA ALA A 88 -4.25 -14.08 10.33
C ALA A 88 -3.19 -13.97 9.24
N GLU A 89 -2.56 -15.09 8.92
CA GLU A 89 -1.47 -15.12 7.95
C GLU A 89 -1.94 -14.68 6.57
N SER A 90 -3.17 -15.03 6.22
CA SER A 90 -3.71 -14.70 4.91
C SER A 90 -4.18 -13.25 4.87
N GLN A 91 -4.63 -12.74 6.01
CA GLN A 91 -5.10 -11.36 6.10
C GLN A 91 -3.94 -10.38 5.99
N GLU A 92 -2.88 -10.63 6.76
CA GLU A 92 -1.70 -9.78 6.74
C GLU A 92 -1.08 -9.70 5.35
N ILE A 93 -1.00 -10.85 4.67
CA ILE A 93 -0.45 -10.92 3.33
C ILE A 93 -1.31 -10.12 2.34
N GLN A 94 -2.59 -10.43 2.31
CA GLN A 94 -3.50 -9.81 1.35
C GLN A 94 -3.77 -8.35 1.70
N GLU A 95 -3.46 -7.95 2.93
CA GLU A 95 -3.55 -6.54 3.32
C GLU A 95 -2.41 -5.74 2.70
N ARG A 96 -1.20 -6.26 2.81
CA ARG A 96 -0.03 -5.58 2.26
C ARG A 96 -0.06 -5.58 0.73
N LEU A 97 -0.39 -6.71 0.13
CA LEU A 97 -0.45 -6.83 -1.32
C LEU A 97 -1.53 -5.92 -1.90
N LEU A 98 -2.57 -5.66 -1.11
CA LEU A 98 -3.62 -4.73 -1.52
C LEU A 98 -3.05 -3.32 -1.58
N HIS A 99 -2.23 -2.98 -0.60
CA HIS A 99 -1.62 -1.66 -0.52
C HIS A 99 -0.77 -1.36 -1.75
N ASP A 100 0.04 -2.33 -2.16
CA ASP A 100 0.90 -2.18 -3.33
C ASP A 100 0.06 -2.18 -4.60
N ALA A 101 -0.94 -3.03 -4.65
CA ALA A 101 -1.81 -3.15 -5.82
C ALA A 101 -2.54 -1.85 -6.07
N GLU A 102 -2.95 -1.19 -5.00
CA GLU A 102 -3.65 0.08 -5.08
C GLU A 102 -2.69 1.22 -5.41
N ARG A 103 -1.43 1.08 -5.01
CA ARG A 103 -0.40 2.02 -5.39
C ARG A 103 -0.24 2.02 -6.92
N GLN A 104 -0.42 0.85 -7.51
CA GLN A 104 -0.22 0.65 -8.94
C GLN A 104 -1.35 -0.15 -9.56
N PRO A 105 -2.51 0.50 -9.80
CA PRO A 105 -3.64 -0.18 -10.44
C PRO A 105 -3.28 -0.76 -11.81
N GLY A 106 -3.87 -1.90 -12.14
CA GLY A 106 -3.65 -2.52 -13.42
C GLY A 106 -2.28 -3.17 -13.56
N THR A 107 -1.62 -3.40 -12.43
CA THR A 107 -0.31 -4.05 -12.42
C THR A 107 -0.26 -5.15 -11.38
N LEU A 108 0.39 -6.25 -11.73
CA LEU A 108 0.48 -7.42 -10.86
C LEU A 108 1.61 -7.26 -9.84
N VAL A 109 1.25 -6.86 -8.62
CA VAL A 109 2.22 -6.78 -7.53
C VAL A 109 2.49 -8.17 -6.97
N GLU A 110 3.38 -8.27 -5.99
CA GLU A 110 3.90 -9.57 -5.60
C GLU A 110 4.75 -9.53 -4.32
N ILE A 111 4.72 -10.65 -3.58
CA ILE A 111 5.61 -10.89 -2.46
C ILE A 111 5.97 -12.36 -2.38
N ASP A 112 7.17 -12.65 -1.90
CA ASP A 112 7.64 -14.02 -1.75
C ASP A 112 7.21 -14.57 -0.40
N SER A 113 5.93 -14.94 -0.30
CA SER A 113 5.36 -15.42 0.95
C SER A 113 5.99 -16.74 1.38
N GLY A 114 6.57 -17.46 0.44
CA GLY A 114 7.21 -18.75 0.72
C GLY A 114 8.28 -18.67 1.78
N ARG A 115 8.91 -17.51 1.91
CA ARG A 115 9.99 -17.32 2.87
C ARG A 115 9.50 -17.37 4.32
N PHE A 116 8.23 -17.02 4.53
CA PHE A 116 7.67 -16.96 5.89
C PHE A 116 6.30 -17.62 6.01
N SER A 117 6.00 -18.55 5.11
CA SER A 117 4.68 -19.18 5.08
C SER A 117 4.75 -20.70 4.95
N ARG A 118 3.90 -21.38 5.70
CA ARG A 118 3.74 -22.83 5.58
C ARG A 118 2.73 -23.15 4.49
N VAL A 119 1.93 -22.15 4.12
CA VAL A 119 0.81 -22.33 3.21
C VAL A 119 1.14 -21.87 1.79
N PHE A 120 1.58 -20.62 1.67
CA PHE A 120 1.77 -20.01 0.36
C PHE A 120 3.23 -20.03 -0.09
N ALA A 121 3.47 -20.54 -1.29
CA ALA A 121 4.79 -20.53 -1.88
C ALA A 121 5.09 -19.15 -2.46
N ARG A 122 4.05 -18.49 -2.97
CA ARG A 122 4.16 -17.20 -3.62
C ARG A 122 2.78 -16.56 -3.70
N SER A 123 2.70 -15.26 -3.50
CA SER A 123 1.42 -14.56 -3.53
C SER A 123 1.47 -13.30 -4.38
N PHE A 124 0.40 -13.08 -5.15
CA PHE A 124 0.28 -11.91 -6.02
C PHE A 124 -1.00 -11.14 -5.72
N ALA A 125 -1.11 -9.95 -6.30
CA ALA A 125 -2.36 -9.18 -6.25
C ALA A 125 -2.46 -8.29 -7.49
N TYR A 126 -3.69 -7.95 -7.85
CA TYR A 126 -3.95 -7.13 -9.01
C TYR A 126 -5.27 -6.38 -8.84
N VAL A 127 -5.23 -5.08 -9.14
CA VAL A 127 -6.41 -4.23 -9.00
C VAL A 127 -6.66 -3.49 -10.31
N ALA A 128 -7.75 -3.85 -10.99
CA ALA A 128 -8.09 -3.23 -12.26
C ALA A 128 -8.62 -1.82 -12.04
N ILE A 129 -9.30 -1.63 -10.93
CA ILE A 129 -9.89 -0.34 -10.58
C ILE A 129 -9.76 -0.10 -9.08
N VAL A 130 -9.22 1.06 -8.72
CA VAL A 130 -9.04 1.42 -7.32
C VAL A 130 -10.38 1.37 -6.57
N PRO A 131 -10.45 0.59 -5.48
CA PRO A 131 -11.67 0.57 -4.66
C PRO A 131 -12.07 1.95 -4.15
N ASN A 132 -13.38 2.18 -4.09
CA ASN A 132 -13.93 3.44 -3.59
C ASN A 132 -13.56 4.64 -4.47
N THR A 133 -13.50 4.41 -5.78
CA THR A 133 -13.37 5.50 -6.75
C THR A 133 -14.56 5.44 -7.71
N VAL A 134 -14.63 4.39 -8.53
CA VAL A 134 -15.72 4.29 -9.48
C VAL A 134 -17.07 4.13 -8.77
N TRP A 135 -17.04 3.55 -7.57
CA TRP A 135 -18.26 3.36 -6.78
C TRP A 135 -18.03 3.75 -5.33
N ASP A 136 -19.12 3.96 -4.60
CA ASP A 136 -19.05 4.30 -3.18
C ASP A 136 -19.05 3.02 -2.35
N GLU A 137 -17.95 2.77 -1.63
CA GLU A 137 -17.79 1.55 -0.85
C GLU A 137 -18.81 1.44 0.28
N SER A 138 -19.48 2.54 0.58
CA SER A 138 -20.51 2.56 1.61
C SER A 138 -21.71 1.72 1.16
N GLU A 139 -21.81 1.51 -0.14
CA GLU A 139 -22.91 0.73 -0.72
C GLU A 139 -22.50 -0.71 -0.98
N THR A 140 -21.22 -0.93 -1.26
CA THR A 140 -20.72 -2.23 -1.69
C THR A 140 -19.91 -2.95 -0.60
N GLY A 141 -19.46 -2.19 0.39
CA GLY A 141 -18.49 -2.69 1.35
C GLY A 141 -17.10 -2.31 0.89
N LYS A 142 -16.10 -2.50 1.74
CA LYS A 142 -14.75 -2.06 1.43
C LYS A 142 -13.91 -3.14 0.76
N ASN A 143 -12.87 -2.71 0.04
CA ASN A 143 -11.94 -3.61 -0.63
C ASN A 143 -12.60 -4.50 -1.68
N VAL A 144 -13.79 -4.11 -2.14
CA VAL A 144 -14.47 -4.82 -3.21
C VAL A 144 -13.68 -4.65 -4.50
N GLY A 145 -13.62 -5.71 -5.31
CA GLY A 145 -12.90 -5.68 -6.56
C GLY A 145 -11.46 -6.13 -6.41
N ALA A 146 -10.94 -6.05 -5.19
CA ALA A 146 -9.58 -6.51 -4.91
C ALA A 146 -9.45 -7.99 -5.28
N THR A 147 -8.30 -8.36 -5.81
CA THR A 147 -8.05 -9.73 -6.23
C THR A 147 -6.63 -10.17 -5.91
N PHE A 148 -6.48 -11.42 -5.49
CA PHE A 148 -5.19 -11.98 -5.13
C PHE A 148 -5.00 -13.34 -5.78
N LEU A 149 -3.74 -13.71 -6.03
CA LEU A 149 -3.42 -15.02 -6.58
C LEU A 149 -2.29 -15.64 -5.78
N HIS A 150 -2.59 -16.74 -5.10
CA HIS A 150 -1.59 -17.45 -4.30
C HIS A 150 -1.22 -18.77 -4.95
N ILE A 151 0.08 -19.05 -5.02
CA ILE A 151 0.56 -20.37 -5.35
C ILE A 151 0.75 -21.13 -4.04
N LEU A 152 0.18 -22.32 -3.95
CA LEU A 152 0.19 -23.10 -2.72
C LEU A 152 1.41 -24.01 -2.62
N LYS A 153 2.01 -24.07 -1.43
CA LYS A 153 3.10 -25.00 -1.20
C LYS A 153 2.57 -26.43 -1.37
N PRO A 154 3.45 -27.37 -1.74
CA PRO A 154 3.01 -28.74 -2.04
C PRO A 154 2.28 -29.43 -0.88
N GLU A 155 2.59 -29.04 0.35
CA GLU A 155 2.06 -29.73 1.53
C GLU A 155 0.63 -29.33 1.87
N VAL A 156 0.14 -28.24 1.27
CA VAL A 156 -1.23 -27.79 1.49
C VAL A 156 -2.06 -27.91 0.20
N THR A 157 -1.45 -28.49 -0.82
CA THR A 157 -2.08 -28.62 -2.13
C THR A 157 -3.21 -29.66 -2.13
N PRO A 158 -4.46 -29.24 -2.43
CA PRO A 158 -5.60 -30.16 -2.45
C PRO A 158 -5.35 -31.49 -3.15
N HIS A 159 -5.69 -32.59 -2.49
CA HIS A 159 -5.54 -33.93 -3.05
C HIS A 159 -4.10 -34.25 -3.42
N GLY A 160 -3.16 -33.49 -2.86
CA GLY A 160 -1.74 -33.71 -3.09
C GLY A 160 -1.36 -33.72 -4.56
N ASN A 161 -2.06 -32.91 -5.36
CA ASN A 161 -1.86 -32.89 -6.81
C ASN A 161 -1.24 -31.58 -7.28
N GLU A 162 -0.08 -31.69 -7.92
CA GLU A 162 0.72 -30.55 -8.38
C GLU A 162 -0.10 -29.47 -9.12
N MET A 163 -1.20 -29.85 -9.74
CA MET A 163 -1.99 -28.92 -10.55
C MET A 163 -2.95 -28.07 -9.71
N ASN A 164 -3.29 -28.55 -8.52
CA ASN A 164 -4.20 -27.82 -7.64
C ASN A 164 -3.47 -26.79 -6.77
N ASP A 165 -2.33 -26.30 -7.25
CA ASP A 165 -1.47 -25.45 -6.43
C ASP A 165 -1.66 -23.95 -6.67
N VAL A 166 -2.79 -23.57 -7.27
CA VAL A 166 -3.11 -22.16 -7.45
C VAL A 166 -4.54 -21.87 -7.01
N MET A 167 -4.72 -20.75 -6.31
CA MET A 167 -6.05 -20.28 -5.92
C MET A 167 -6.14 -18.78 -6.17
N LEU A 168 -7.38 -18.27 -6.14
CA LEU A 168 -7.62 -16.84 -6.20
C LEU A 168 -8.55 -16.43 -5.06
N TYR A 169 -8.51 -15.15 -4.73
CA TYR A 169 -9.30 -14.59 -3.65
C TYR A 169 -9.80 -13.23 -4.08
N THR A 170 -11.11 -13.02 -4.01
CA THR A 170 -11.70 -11.75 -4.41
C THR A 170 -12.83 -11.38 -3.47
N VAL A 171 -13.13 -10.08 -3.41
CA VAL A 171 -14.21 -9.57 -2.57
C VAL A 171 -15.32 -9.02 -3.46
N ALA A 172 -16.50 -9.62 -3.39
CA ALA A 172 -17.61 -9.25 -4.24
C ALA A 172 -18.44 -8.14 -3.61
N PRO A 173 -19.16 -7.36 -4.43
CA PRO A 173 -20.01 -6.29 -3.91
C PRO A 173 -21.25 -6.82 -3.18
N PHE A 174 -21.65 -6.13 -2.11
CA PHE A 174 -22.86 -6.48 -1.39
C PHE A 174 -24.08 -6.19 -2.26
N GLY A 175 -25.09 -7.05 -2.19
CA GLY A 175 -26.24 -6.97 -3.07
C GLY A 175 -27.07 -5.71 -2.92
N ASN A 176 -27.03 -5.11 -1.74
CA ASN A 176 -27.84 -3.94 -1.45
C ASN A 176 -27.30 -2.67 -2.11
N ALA A 177 -26.17 -2.77 -2.79
CA ALA A 177 -25.60 -1.64 -3.53
C ALA A 177 -26.53 -1.25 -4.68
N SER A 178 -26.39 -0.02 -5.15
CA SER A 178 -27.16 0.45 -6.29
C SER A 178 -26.81 -0.36 -7.52
N ASP A 179 -27.74 -0.47 -8.47
CA ASP A 179 -27.49 -1.22 -9.70
C ASP A 179 -26.31 -0.58 -10.44
N SER A 180 -26.19 0.73 -10.31
CA SER A 180 -25.08 1.47 -10.89
C SER A 180 -23.77 1.04 -10.22
N ALA A 181 -23.75 1.09 -8.90
CA ALA A 181 -22.55 0.74 -8.13
C ALA A 181 -22.27 -0.76 -8.18
N TYR A 182 -23.34 -1.56 -8.16
CA TYR A 182 -23.19 -3.01 -8.11
C TYR A 182 -22.57 -3.55 -9.39
N ASN A 183 -23.13 -3.18 -10.53
CA ASN A 183 -22.64 -3.64 -11.82
C ASN A 183 -21.19 -3.20 -12.07
N MET A 184 -20.87 -1.99 -11.65
CA MET A 184 -19.52 -1.46 -11.84
C MET A 184 -18.52 -2.18 -10.94
N ALA A 185 -18.95 -2.52 -9.73
CA ALA A 185 -18.10 -3.27 -8.82
C ALA A 185 -17.91 -4.70 -9.31
N TYR A 186 -18.94 -5.25 -9.94
CA TYR A 186 -18.91 -6.62 -10.42
C TYR A 186 -17.98 -6.78 -11.62
N LYS A 187 -17.96 -5.79 -12.50
CA LYS A 187 -17.05 -5.83 -13.64
C LYS A 187 -15.62 -5.62 -13.16
N ALA A 188 -15.44 -4.67 -12.24
CA ALA A 188 -14.14 -4.44 -11.63
C ALA A 188 -13.62 -5.73 -10.99
N THR A 189 -14.51 -6.41 -10.26
CA THR A 189 -14.19 -7.69 -9.65
C THR A 189 -13.72 -8.70 -10.70
N MET A 190 -14.44 -8.77 -11.82
CA MET A 190 -14.14 -9.75 -12.85
C MET A 190 -12.89 -9.38 -13.64
N LEU A 191 -12.67 -8.10 -13.86
CA LEU A 191 -11.45 -7.63 -14.53
C LEU A 191 -10.23 -8.00 -13.69
N GLY A 192 -10.39 -7.94 -12.37
CA GLY A 192 -9.31 -8.26 -11.44
C GLY A 192 -8.92 -9.72 -11.50
N ILE A 193 -9.92 -10.60 -11.52
CA ILE A 193 -9.68 -12.03 -11.60
C ILE A 193 -8.98 -12.39 -12.90
N VAL A 194 -9.55 -11.95 -14.02
CA VAL A 194 -9.00 -12.25 -15.33
C VAL A 194 -7.67 -11.53 -15.54
N GLY A 195 -7.57 -10.32 -15.00
CA GLY A 195 -6.34 -9.55 -15.12
C GLY A 195 -5.19 -10.20 -14.40
N ALA A 196 -5.45 -10.68 -13.19
CA ALA A 196 -4.43 -11.32 -12.37
C ALA A 196 -3.90 -12.59 -13.04
N VAL A 197 -4.81 -13.40 -13.57
CA VAL A 197 -4.43 -14.63 -14.26
C VAL A 197 -3.70 -14.31 -15.56
N SER A 198 -4.22 -13.33 -16.30
CA SER A 198 -3.56 -12.86 -17.50
C SER A 198 -2.15 -12.39 -17.20
N GLU A 199 -2.02 -11.47 -16.25
CA GLU A 199 -0.73 -10.91 -15.90
C GLU A 199 0.19 -11.97 -15.29
N TYR A 200 -0.38 -12.90 -14.54
CA TYR A 200 0.42 -13.97 -13.90
C TYR A 200 1.03 -14.90 -14.93
N ASN A 201 0.24 -15.29 -15.93
CA ASN A 201 0.73 -16.20 -16.97
C ASN A 201 1.85 -15.56 -17.80
N LYS A 202 2.02 -14.24 -17.67
CA LYS A 202 3.11 -13.54 -18.33
C LYS A 202 4.37 -13.51 -17.47
N THR A 203 4.24 -13.85 -16.19
CA THR A 203 5.39 -13.93 -15.29
C THR A 203 6.19 -15.21 -15.54
N PRO A 204 7.44 -15.25 -15.04
CA PRO A 204 8.27 -16.45 -15.20
C PRO A 204 7.63 -17.68 -14.54
N TRP A 205 6.99 -17.48 -13.40
CA TRP A 205 6.27 -18.56 -12.73
C TRP A 205 5.07 -18.98 -13.57
N GLY A 206 4.55 -18.03 -14.35
CA GLY A 206 3.45 -18.31 -15.26
C GLY A 206 3.86 -19.22 -16.39
N GLU A 207 5.05 -19.00 -16.93
CA GLU A 207 5.57 -19.84 -18.00
C GLU A 207 5.65 -21.29 -17.52
N VAL A 208 6.14 -21.47 -16.30
CA VAL A 208 6.29 -22.80 -15.71
C VAL A 208 4.95 -23.37 -15.24
N LYS A 209 4.25 -22.61 -14.39
CA LYS A 209 2.96 -23.03 -13.86
C LYS A 209 1.82 -22.18 -14.41
N PRO A 210 1.51 -22.29 -15.71
CA PRO A 210 0.45 -21.46 -16.26
C PRO A 210 -0.95 -21.87 -15.80
N VAL A 211 -1.77 -20.90 -15.42
CA VAL A 211 -3.17 -21.15 -15.16
C VAL A 211 -3.87 -21.35 -16.50
N GLU A 212 -4.61 -22.44 -16.64
CA GLU A 212 -5.25 -22.79 -17.90
C GLU A 212 -6.76 -22.91 -17.77
N ALA A 213 -7.27 -22.70 -16.56
CA ALA A 213 -8.71 -22.61 -16.35
C ALA A 213 -9.01 -21.91 -15.02
N ILE A 214 -10.23 -21.37 -14.90
CA ILE A 214 -10.63 -20.64 -13.70
C ILE A 214 -12.00 -21.10 -13.22
N ARG A 215 -12.05 -21.66 -12.02
CA ARG A 215 -13.30 -22.10 -11.43
C ARG A 215 -13.93 -20.99 -10.60
N LEU A 216 -15.01 -20.42 -11.11
CA LEU A 216 -15.69 -19.30 -10.47
C LEU A 216 -16.99 -19.72 -9.80
N PRO A 217 -17.20 -19.33 -8.54
CA PRO A 217 -18.57 -19.40 -8.02
C PRO A 217 -19.38 -18.22 -8.55
N LEU A 218 -20.68 -18.19 -8.29
CA LEU A 218 -21.47 -17.01 -8.62
C LEU A 218 -21.23 -15.96 -7.54
N LEU A 219 -20.28 -15.06 -7.78
CA LEU A 219 -19.88 -14.06 -6.79
C LEU A 219 -21.07 -13.25 -6.28
N GLY A 220 -21.11 -13.03 -4.98
CA GLY A 220 -22.11 -12.17 -4.36
C GLY A 220 -23.50 -12.77 -4.33
N ALA A 221 -23.59 -14.09 -4.49
CA ALA A 221 -24.88 -14.76 -4.55
C ALA A 221 -25.18 -15.56 -3.28
N GLY A 222 -24.27 -15.51 -2.32
CA GLY A 222 -24.44 -16.20 -1.05
C GLY A 222 -24.89 -15.26 0.04
N HIS A 223 -23.98 -14.97 0.98
CA HIS A 223 -24.30 -14.09 2.11
C HIS A 223 -24.26 -12.60 1.71
N PHE A 224 -23.62 -12.28 0.60
CA PHE A 224 -23.57 -10.90 0.11
C PHE A 224 -24.78 -10.56 -0.76
N ARG A 225 -25.77 -11.45 -0.82
CA ARG A 225 -26.94 -11.22 -1.66
C ARG A 225 -27.85 -10.14 -1.08
N GLY A 226 -28.03 -10.16 0.24
CA GLY A 226 -28.93 -9.24 0.90
C GLY A 226 -30.35 -9.37 0.37
N ARG A 227 -30.88 -8.25 -0.13
CA ARG A 227 -32.22 -8.21 -0.69
C ARG A 227 -32.22 -8.33 -2.22
N ARG A 228 -31.03 -8.48 -2.81
CA ARG A 228 -30.89 -8.49 -4.26
C ARG A 228 -31.37 -9.80 -4.87
N GLY A 229 -31.87 -9.72 -6.10
CA GLY A 229 -32.36 -10.88 -6.82
C GLY A 229 -31.27 -11.55 -7.62
N LEU A 230 -31.35 -12.87 -7.74
CA LEU A 230 -30.31 -13.65 -8.40
C LEU A 230 -30.24 -13.37 -9.90
N HIS A 231 -31.33 -12.88 -10.47
CA HIS A 231 -31.34 -12.53 -11.89
C HIS A 231 -30.39 -11.36 -12.14
N SER A 232 -30.55 -10.29 -11.36
CA SER A 232 -29.72 -9.10 -11.50
C SER A 232 -28.25 -9.45 -11.35
N ILE A 233 -27.96 -10.45 -10.52
CA ILE A 233 -26.59 -10.89 -10.30
C ILE A 233 -26.08 -11.66 -11.51
N GLY A 234 -26.97 -12.40 -12.16
CA GLY A 234 -26.62 -13.13 -13.37
C GLY A 234 -26.29 -12.17 -14.49
N ARG A 235 -27.01 -11.05 -14.54
CA ARG A 235 -26.73 -9.99 -15.49
C ARG A 235 -25.38 -9.36 -15.18
N ALA A 236 -25.21 -8.90 -13.95
CA ALA A 236 -23.97 -8.28 -13.51
C ALA A 236 -22.77 -9.19 -13.79
N ASN A 237 -22.95 -10.49 -13.61
CA ASN A 237 -21.90 -11.45 -13.87
C ASN A 237 -21.64 -11.61 -15.36
N ALA A 238 -22.72 -11.73 -16.12
CA ALA A 238 -22.61 -11.89 -17.57
C ALA A 238 -21.92 -10.70 -18.23
N VAL A 239 -22.35 -9.50 -17.89
CA VAL A 239 -21.76 -8.28 -18.45
C VAL A 239 -20.28 -8.17 -18.07
N ALA A 240 -19.97 -8.52 -16.83
CA ALA A 240 -18.60 -8.45 -16.32
C ALA A 240 -17.66 -9.37 -17.10
N VAL A 241 -18.11 -10.61 -17.32
CA VAL A 241 -17.29 -11.58 -18.05
C VAL A 241 -17.03 -11.11 -19.48
N GLU A 242 -18.07 -10.61 -20.14
CA GLU A 242 -17.94 -10.09 -21.50
C GLU A 242 -16.83 -9.05 -21.59
N ALA A 243 -16.86 -8.08 -20.67
CA ALA A 243 -15.88 -7.00 -20.65
C ALA A 243 -14.48 -7.54 -20.39
N ALA A 244 -14.36 -8.44 -19.41
CA ALA A 244 -13.07 -9.02 -19.04
C ALA A 244 -12.47 -9.82 -20.19
N ILE A 245 -13.32 -10.58 -20.88
CA ILE A 245 -12.88 -11.35 -22.04
C ILE A 245 -12.46 -10.41 -23.16
N THR A 246 -13.24 -9.36 -23.39
CA THR A 246 -12.91 -8.37 -24.41
C THR A 246 -11.65 -7.61 -24.03
N ARG A 247 -11.47 -7.36 -22.74
CA ARG A 247 -10.31 -6.61 -22.24
C ARG A 247 -9.01 -7.36 -22.44
N PHE A 248 -8.98 -8.61 -22.03
CA PHE A 248 -7.72 -9.35 -21.96
C PHE A 248 -7.58 -10.38 -23.08
N ASP A 249 -8.70 -10.75 -23.71
CA ASP A 249 -8.69 -11.76 -24.76
C ASP A 249 -7.94 -13.00 -24.26
N PRO A 250 -8.36 -13.53 -23.10
CA PRO A 250 -7.57 -14.56 -22.39
C PRO A 250 -7.67 -15.94 -23.00
N ARG A 251 -6.60 -16.73 -22.86
CA ARG A 251 -6.57 -18.10 -23.37
C ARG A 251 -7.27 -19.07 -22.42
N VAL A 252 -7.33 -18.70 -21.15
CA VAL A 252 -7.87 -19.61 -20.13
C VAL A 252 -9.33 -19.97 -20.36
N GLU A 253 -9.77 -21.02 -19.68
CA GLU A 253 -11.13 -21.52 -19.79
C GLU A 253 -11.93 -21.20 -18.53
N LEU A 254 -13.08 -20.57 -18.70
CA LEU A 254 -13.92 -20.20 -17.58
C LEU A 254 -14.81 -21.37 -17.17
N GLN A 255 -14.86 -21.64 -15.87
CA GLN A 255 -15.74 -22.67 -15.32
C GLN A 255 -16.60 -22.06 -14.23
N PHE A 256 -17.91 -22.27 -14.34
CA PHE A 256 -18.85 -21.76 -13.35
C PHE A 256 -19.42 -22.87 -12.49
N MET A 257 -19.16 -22.78 -11.19
CA MET A 257 -19.62 -23.77 -10.23
C MET A 257 -21.14 -23.77 -10.15
N TYR A 258 -21.69 -24.82 -9.52
CA TYR A 258 -23.13 -25.02 -9.48
C TYR A 258 -23.80 -24.37 -8.28
N GLU A 259 -24.95 -23.75 -8.51
CA GLU A 259 -25.87 -23.36 -7.46
C GLU A 259 -27.29 -23.54 -8.01
N PRO A 260 -28.26 -23.83 -7.13
CA PRO A 260 -29.57 -24.34 -7.52
C PRO A 260 -30.31 -23.54 -8.60
N SER A 261 -30.20 -22.22 -8.57
CA SER A 261 -30.95 -21.38 -9.50
C SER A 261 -30.36 -21.38 -10.91
N ASP A 262 -29.06 -21.66 -11.00
CA ASP A 262 -28.39 -21.79 -12.29
C ASP A 262 -28.32 -20.44 -13.03
N THR A 263 -28.25 -19.35 -12.28
CA THR A 263 -28.37 -18.02 -12.86
C THR A 263 -27.09 -17.53 -13.54
N ALA A 264 -25.97 -18.20 -13.30
CA ALA A 264 -24.74 -17.88 -14.02
C ALA A 264 -24.92 -18.20 -15.49
N LEU A 265 -25.67 -19.27 -15.76
CA LEU A 265 -25.94 -19.71 -17.12
C LEU A 265 -27.08 -18.91 -17.74
N ARG A 266 -28.17 -18.77 -16.99
CA ARG A 266 -29.35 -18.06 -17.48
C ARG A 266 -29.01 -16.61 -17.83
N GLY A 267 -28.15 -15.99 -17.04
CA GLY A 267 -27.74 -14.61 -17.27
C GLY A 267 -26.91 -14.48 -18.53
N LEU A 268 -26.02 -15.44 -18.76
CA LEU A 268 -25.16 -15.42 -19.94
C LEU A 268 -25.94 -15.81 -21.19
N MET A 269 -26.99 -16.62 -21.01
CA MET A 269 -27.88 -16.96 -22.11
C MET A 269 -28.66 -15.72 -22.54
N GLU A 270 -28.93 -14.84 -21.58
CA GLU A 270 -29.59 -13.58 -21.86
C GLU A 270 -28.62 -12.65 -22.60
N SER A 271 -27.36 -12.68 -22.17
CA SER A 271 -26.31 -11.95 -22.87
C SER A 271 -26.07 -12.55 -24.25
N GLU A 272 -26.36 -13.84 -24.37
CA GLU A 272 -26.22 -14.54 -25.65
C GLU A 272 -27.33 -14.12 -26.61
N PRO B 8 -5.20 33.25 6.03
CA PRO B 8 -5.37 33.78 4.68
C PRO B 8 -4.18 34.64 4.23
N LEU B 9 -3.37 34.09 3.34
CA LEU B 9 -2.19 34.78 2.82
C LEU B 9 -2.44 35.28 1.41
N THR B 10 -2.57 36.60 1.27
CA THR B 10 -2.80 37.23 -0.03
C THR B 10 -1.49 37.66 -0.67
N LEU B 11 -1.26 37.22 -1.90
CA LEU B 11 -0.04 37.56 -2.63
C LEU B 11 -0.34 37.81 -4.11
N ARG B 12 0.18 38.92 -4.62
CA ARG B 12 0.01 39.27 -6.03
C ARG B 12 0.93 38.44 -6.91
N PHE B 13 0.47 38.16 -8.13
CA PHE B 13 1.23 37.35 -9.08
C PHE B 13 1.27 38.01 -10.46
N THR B 14 2.45 38.38 -10.91
CA THR B 14 2.60 39.05 -12.19
C THR B 14 2.48 38.04 -13.34
N CYS B 15 2.86 36.79 -13.07
CA CYS B 15 2.75 35.74 -14.06
C CYS B 15 1.29 35.36 -14.30
N LEU B 16 0.42 35.79 -13.40
CA LEU B 16 -1.02 35.58 -13.52
C LEU B 16 -1.72 36.88 -13.92
N GLY B 17 -0.96 37.78 -14.54
CA GLY B 17 -1.50 39.05 -14.99
C GLY B 17 -1.76 40.00 -13.83
N ASP B 18 -0.83 40.04 -12.87
CA ASP B 18 -0.96 40.89 -11.70
C ASP B 18 -2.29 40.64 -10.98
N ARG B 19 -2.43 39.45 -10.42
CA ARG B 19 -3.64 39.06 -9.70
C ARG B 19 -3.33 38.66 -8.26
N ASN B 20 -4.21 39.06 -7.35
CA ASN B 20 -4.11 38.65 -5.96
C ASN B 20 -4.73 37.26 -5.77
N VAL B 21 -3.92 36.34 -5.25
CA VAL B 21 -4.33 34.97 -5.01
C VAL B 21 -4.20 34.64 -3.53
N ILE B 22 -5.29 34.16 -2.93
CA ILE B 22 -5.30 33.81 -1.52
C ILE B 22 -4.77 32.39 -1.31
N PHE B 23 -4.02 32.20 -0.23
CA PHE B 23 -3.56 30.89 0.19
C PHE B 23 -3.79 30.73 1.69
N PHE B 24 -4.85 30.00 2.05
CA PHE B 24 -5.18 29.80 3.45
C PHE B 24 -4.07 29.04 4.17
N GLY B 25 -3.86 29.39 5.43
CA GLY B 25 -2.88 28.72 6.26
C GLY B 25 -3.54 27.65 7.11
N PRO B 26 -2.79 27.10 8.08
CA PRO B 26 -3.32 26.07 8.98
C PRO B 26 -4.52 26.57 9.80
N PHE B 33 -6.97 21.44 7.95
CA PHE B 33 -7.80 21.61 6.76
C PHE B 33 -8.74 22.80 6.91
N THR B 34 -8.86 23.58 5.84
CA THR B 34 -9.67 24.80 5.86
C THR B 34 -11.11 24.46 5.46
N PRO B 35 -12.09 25.19 6.03
CA PRO B 35 -13.50 24.90 5.75
C PRO B 35 -13.88 25.10 4.29
N LEU B 36 -14.84 24.29 3.83
CA LEU B 36 -15.37 24.42 2.47
C LEU B 36 -16.01 25.79 2.28
N TYR B 37 -16.81 26.20 3.26
CA TYR B 37 -17.49 27.49 3.20
C TYR B 37 -17.45 28.19 4.56
N ASP B 38 -17.51 29.52 4.52
CA ASP B 38 -17.45 30.32 5.73
C ASP B 38 -18.86 30.66 6.21
N PRO B 39 -19.05 30.81 7.54
CA PRO B 39 -20.38 31.15 8.07
C PRO B 39 -20.90 32.49 7.54
N SER B 40 -20.03 33.51 7.56
CA SER B 40 -20.38 34.83 7.06
C SER B 40 -19.38 35.26 5.98
N PRO B 41 -19.67 34.94 4.71
CA PRO B 41 -18.78 35.28 3.61
C PRO B 41 -19.07 36.68 3.05
N SER B 42 -18.02 37.39 2.64
CA SER B 42 -18.17 38.70 2.04
C SER B 42 -18.67 38.59 0.60
N LYS B 43 -18.36 37.46 -0.04
CA LYS B 43 -18.62 37.27 -1.45
C LYS B 43 -19.33 35.95 -1.73
N ARG B 44 -19.66 35.70 -2.99
CA ARG B 44 -20.14 34.40 -3.43
C ARG B 44 -18.97 33.53 -3.86
N VAL B 45 -18.54 32.64 -2.96
CA VAL B 45 -17.41 31.76 -3.24
C VAL B 45 -17.90 30.35 -3.55
N ALA B 46 -17.34 29.76 -4.59
CA ALA B 46 -17.70 28.41 -5.00
C ALA B 46 -16.54 27.44 -4.80
N THR B 47 -16.71 26.51 -3.87
CA THR B 47 -15.65 25.58 -3.53
C THR B 47 -15.58 24.44 -4.56
N VAL B 48 -14.36 24.13 -4.98
CA VAL B 48 -14.13 23.06 -5.94
C VAL B 48 -13.98 21.71 -5.23
N ASP B 49 -14.96 20.83 -5.40
CA ASP B 49 -14.90 19.51 -4.83
C ASP B 49 -13.93 18.61 -5.62
N ALA B 50 -12.92 18.08 -4.92
CA ALA B 50 -12.02 17.12 -5.53
C ALA B 50 -12.81 15.86 -5.85
N GLY B 51 -13.50 15.89 -6.99
CA GLY B 51 -14.47 14.88 -7.33
C GLY B 51 -13.90 13.50 -7.62
N THR B 52 -14.71 12.71 -8.32
CA THR B 52 -14.51 11.28 -8.43
C THR B 52 -14.69 10.79 -9.86
N TYR B 53 -13.97 9.73 -10.22
CA TYR B 53 -14.09 9.14 -11.56
C TYR B 53 -15.53 8.72 -11.83
N GLY B 54 -16.14 8.07 -10.86
CA GLY B 54 -17.54 7.65 -10.96
C GLY B 54 -18.52 8.80 -10.81
N LEU B 55 -18.01 10.00 -10.60
CA LEU B 55 -18.82 11.22 -10.60
C LEU B 55 -19.87 11.32 -9.48
N PHE B 56 -19.65 10.61 -8.37
CA PHE B 56 -20.58 10.70 -7.24
C PHE B 56 -20.04 11.61 -6.15
N ILE B 57 -20.94 12.30 -5.45
CA ILE B 57 -20.58 13.07 -4.27
C ILE B 57 -20.68 12.16 -3.04
N GLY B 58 -19.53 11.84 -2.47
CA GLY B 58 -19.46 10.96 -1.32
C GLY B 58 -18.02 10.53 -1.09
N GLY B 59 -17.82 9.26 -0.76
CA GLY B 59 -16.49 8.74 -0.56
C GLY B 59 -15.79 9.40 0.61
N VAL B 60 -14.48 9.57 0.49
CA VAL B 60 -13.63 10.07 1.57
C VAL B 60 -12.93 11.36 1.19
N GLY B 61 -12.06 11.84 2.08
CA GLY B 61 -11.29 13.04 1.82
C GLY B 61 -12.15 14.26 1.58
N MET B 62 -11.76 15.04 0.57
CA MET B 62 -12.47 16.27 0.21
C MET B 62 -13.91 16.00 -0.19
N ASN B 63 -14.10 14.98 -1.02
CA ASN B 63 -15.43 14.61 -1.48
C ASN B 63 -16.30 14.13 -0.31
N GLY B 64 -15.63 13.60 0.70
CA GLY B 64 -16.30 13.16 1.91
C GLY B 64 -16.83 14.31 2.74
N GLU B 65 -16.12 15.43 2.73
CA GLU B 65 -16.53 16.63 3.45
C GLU B 65 -17.79 17.22 2.83
N PHE B 66 -17.80 17.31 1.50
CA PHE B 66 -18.94 17.87 0.78
C PHE B 66 -20.22 17.08 1.09
N ALA B 67 -20.11 15.76 1.14
CA ALA B 67 -21.26 14.91 1.43
C ALA B 67 -21.75 15.17 2.85
N ASP B 68 -20.84 15.15 3.81
CA ASP B 68 -21.18 15.36 5.21
C ASP B 68 -21.78 16.75 5.43
N THR B 69 -21.16 17.75 4.82
CA THR B 69 -21.64 19.14 4.94
C THR B 69 -23.05 19.28 4.40
N ILE B 70 -23.31 18.65 3.25
CA ILE B 70 -24.62 18.74 2.60
C ILE B 70 -25.69 17.99 3.39
N ILE B 71 -25.34 16.81 3.87
CA ILE B 71 -26.28 16.01 4.66
C ILE B 71 -26.50 16.63 6.03
N GLU B 72 -25.46 17.25 6.58
CA GLU B 72 -25.59 17.96 7.85
C GLU B 72 -26.59 19.10 7.71
N GLU B 73 -26.45 19.86 6.64
CA GLU B 73 -27.33 21.00 6.39
C GLU B 73 -28.74 20.52 6.08
N ALA B 74 -28.84 19.34 5.46
CA ALA B 74 -30.14 18.74 5.17
C ALA B 74 -30.84 18.34 6.46
N ARG B 75 -30.09 17.70 7.36
CA ARG B 75 -30.59 17.31 8.67
C ARG B 75 -31.10 18.52 9.43
N ARG B 76 -30.35 19.62 9.34
CA ARG B 76 -30.67 20.83 10.07
C ARG B 76 -31.98 21.44 9.59
N ASN B 77 -32.24 21.33 8.29
CA ASN B 77 -33.46 21.86 7.69
C ASN B 77 -34.57 20.81 7.63
N ARG B 78 -34.37 19.72 8.37
CA ARG B 78 -35.35 18.65 8.47
C ARG B 78 -35.74 18.09 7.11
N ILE B 79 -34.79 17.45 6.44
CA ILE B 79 -35.05 16.76 5.18
C ILE B 79 -34.44 15.35 5.24
N PRO B 80 -35.17 14.34 4.76
CA PRO B 80 -34.58 12.99 4.78
C PRO B 80 -33.60 12.79 3.61
N LEU B 81 -32.31 12.87 3.92
CA LEU B 81 -31.27 12.65 2.93
C LEU B 81 -30.15 11.82 3.52
N THR B 82 -29.93 10.64 2.95
CA THR B 82 -28.88 9.74 3.41
C THR B 82 -27.67 9.83 2.51
N ALA B 83 -26.60 9.14 2.89
CA ALA B 83 -25.37 9.12 2.11
C ALA B 83 -25.60 8.48 0.74
N THR B 84 -26.37 7.40 0.73
CA THR B 84 -26.63 6.65 -0.50
C THR B 84 -27.48 7.46 -1.48
N GLU B 85 -28.45 8.20 -0.94
CA GLU B 85 -29.31 9.03 -1.77
C GLU B 85 -28.51 10.08 -2.53
N LEU B 86 -27.68 10.82 -1.80
CA LEU B 86 -26.88 11.89 -2.40
C LEU B 86 -25.88 11.32 -3.39
N SER B 87 -25.30 10.18 -3.04
CA SER B 87 -24.28 9.54 -3.87
C SER B 87 -24.82 9.17 -5.25
N ALA B 88 -26.06 8.69 -5.28
CA ALA B 88 -26.66 8.25 -6.54
C ALA B 88 -27.26 9.42 -7.31
N GLU B 89 -27.91 10.34 -6.61
CA GLU B 89 -28.52 11.49 -7.26
C GLU B 89 -27.44 12.40 -7.86
N SER B 90 -26.29 12.47 -7.19
CA SER B 90 -25.18 13.27 -7.69
C SER B 90 -24.49 12.55 -8.84
N GLN B 91 -24.43 11.23 -8.75
CA GLN B 91 -23.80 10.42 -9.79
C GLN B 91 -24.59 10.51 -11.08
N GLU B 92 -25.91 10.35 -10.96
CA GLU B 92 -26.78 10.31 -12.13
C GLU B 92 -26.76 11.63 -12.88
N ILE B 93 -27.00 12.71 -12.14
CA ILE B 93 -27.06 14.04 -12.74
C ILE B 93 -25.77 14.42 -13.44
N GLN B 94 -24.64 14.04 -12.85
CA GLN B 94 -23.34 14.38 -13.44
C GLN B 94 -22.96 13.40 -14.55
N GLU B 95 -23.51 12.20 -14.50
CA GLU B 95 -23.37 11.25 -15.60
C GLU B 95 -24.13 11.76 -16.82
N ARG B 96 -25.32 12.30 -16.60
CA ARG B 96 -26.16 12.82 -17.68
C ARG B 96 -25.57 14.11 -18.25
N LEU B 97 -25.03 14.95 -17.37
CA LEU B 97 -24.46 16.22 -17.77
C LEU B 97 -23.21 16.04 -18.64
N LEU B 98 -22.39 15.07 -18.29
CA LEU B 98 -21.16 14.82 -19.03
C LEU B 98 -21.47 14.32 -20.44
N HIS B 99 -22.57 13.58 -20.57
CA HIS B 99 -23.03 13.12 -21.88
C HIS B 99 -23.29 14.31 -22.80
N ASP B 100 -23.89 15.35 -22.24
CA ASP B 100 -24.14 16.58 -22.98
C ASP B 100 -22.85 17.33 -23.25
N ALA B 101 -21.99 17.42 -22.24
CA ALA B 101 -20.79 18.24 -22.31
C ALA B 101 -19.74 17.64 -23.25
N GLU B 102 -19.54 16.33 -23.18
CA GLU B 102 -18.52 15.67 -23.99
C GLU B 102 -18.80 15.82 -25.48
N ARG B 103 -20.07 15.82 -25.85
CA ARG B 103 -20.48 15.90 -27.25
C ARG B 103 -20.33 17.32 -27.80
N GLN B 104 -20.28 18.30 -26.91
CA GLN B 104 -20.03 19.69 -27.30
C GLN B 104 -19.01 20.33 -26.37
N PRO B 105 -17.72 20.08 -26.62
CA PRO B 105 -16.64 20.64 -25.80
C PRO B 105 -16.61 22.17 -25.79
N GLY B 106 -16.07 22.75 -24.73
CA GLY B 106 -15.88 24.19 -24.65
C GLY B 106 -17.14 24.99 -24.42
N THR B 107 -18.28 24.30 -24.31
CA THR B 107 -19.57 24.96 -24.07
C THR B 107 -20.13 24.55 -22.71
N LEU B 108 -21.02 25.39 -22.18
CA LEU B 108 -21.62 25.15 -20.87
C LEU B 108 -22.99 24.49 -21.00
N VAL B 109 -23.06 23.19 -20.67
CA VAL B 109 -24.32 22.46 -20.76
C VAL B 109 -25.14 22.70 -19.50
N GLU B 110 -26.36 22.13 -19.46
CA GLU B 110 -27.32 22.55 -18.46
C GLU B 110 -28.51 21.59 -18.34
N ILE B 111 -28.90 21.31 -17.10
CA ILE B 111 -30.15 20.59 -16.81
C ILE B 111 -30.77 21.16 -15.54
N ASP B 112 -32.10 21.19 -15.49
CA ASP B 112 -32.81 21.70 -14.32
C ASP B 112 -33.01 20.60 -13.27
N SER B 113 -32.04 20.45 -12.38
CA SER B 113 -32.08 19.43 -11.35
C SER B 113 -33.10 19.74 -10.26
N GLY B 114 -33.40 21.03 -10.09
CA GLY B 114 -34.35 21.47 -9.07
C GLY B 114 -35.75 20.93 -9.29
N ARG B 115 -35.98 20.36 -10.46
CA ARG B 115 -37.30 19.82 -10.80
C ARG B 115 -37.50 18.42 -10.22
N PHE B 116 -36.43 17.81 -9.73
CA PHE B 116 -36.50 16.46 -9.21
C PHE B 116 -35.48 16.19 -8.10
N SER B 117 -34.92 17.26 -7.53
CA SER B 117 -33.91 17.13 -6.48
C SER B 117 -34.24 17.98 -5.27
N ARG B 118 -34.06 17.38 -4.09
CA ARG B 118 -34.19 18.10 -2.83
C ARG B 118 -32.90 18.84 -2.51
N VAL B 119 -31.89 18.66 -3.36
CA VAL B 119 -30.54 19.14 -3.10
C VAL B 119 -30.13 20.25 -4.06
N PHE B 120 -30.11 19.94 -5.36
CA PHE B 120 -29.63 20.86 -6.37
C PHE B 120 -30.77 21.68 -6.97
N ALA B 121 -30.58 23.00 -7.06
CA ALA B 121 -31.54 23.87 -7.72
C ALA B 121 -31.31 23.87 -9.23
N ARG B 122 -30.04 23.84 -9.63
CA ARG B 122 -29.68 23.76 -11.03
C ARG B 122 -28.24 23.29 -11.19
N SER B 123 -28.00 22.40 -12.15
CA SER B 123 -26.69 21.82 -12.36
C SER B 123 -26.14 22.15 -13.75
N PHE B 124 -24.85 22.44 -13.80
CA PHE B 124 -24.16 22.74 -15.04
C PHE B 124 -22.97 21.80 -15.22
N ALA B 125 -22.40 21.81 -16.42
CA ALA B 125 -21.17 21.09 -16.69
C ALA B 125 -20.44 21.73 -17.85
N TYR B 126 -19.17 21.36 -18.01
CA TYR B 126 -18.29 21.99 -19.00
C TYR B 126 -17.03 21.17 -19.14
N VAL B 127 -16.57 20.97 -20.37
CA VAL B 127 -15.32 20.27 -20.62
C VAL B 127 -14.49 21.03 -21.66
N ALA B 128 -13.22 21.22 -21.34
CA ALA B 128 -12.29 21.91 -22.23
C ALA B 128 -11.69 20.93 -23.23
N ILE B 129 -11.44 19.72 -22.74
CA ILE B 129 -10.94 18.63 -23.58
C ILE B 129 -11.68 17.35 -23.23
N VAL B 130 -12.31 16.74 -24.23
CA VAL B 130 -13.00 15.47 -24.05
C VAL B 130 -12.09 14.47 -23.35
N PRO B 131 -12.58 13.85 -22.26
CA PRO B 131 -11.74 12.84 -21.61
C PRO B 131 -11.44 11.64 -22.51
N ASN B 132 -10.23 11.10 -22.40
CA ASN B 132 -9.85 9.93 -23.16
C ASN B 132 -9.90 10.16 -24.68
N THR B 133 -9.46 11.35 -25.10
CA THR B 133 -9.35 11.65 -26.53
C THR B 133 -7.94 12.16 -26.85
N VAL B 134 -7.38 12.92 -25.93
CA VAL B 134 -6.01 13.42 -26.04
C VAL B 134 -5.10 12.62 -25.11
N TRP B 135 -5.68 12.14 -24.01
CA TRP B 135 -5.01 11.20 -23.13
C TRP B 135 -5.79 9.90 -23.12
N ASP B 136 -5.45 9.00 -22.20
CA ASP B 136 -6.12 7.71 -22.08
C ASP B 136 -6.68 7.54 -20.68
N GLU B 137 -7.97 7.26 -20.58
CA GLU B 137 -8.62 7.05 -19.29
C GLU B 137 -7.98 5.87 -18.58
N SER B 138 -7.34 4.99 -19.35
CA SER B 138 -6.54 3.91 -18.80
C SER B 138 -5.44 4.46 -17.89
N GLU B 139 -4.85 5.58 -18.31
CA GLU B 139 -3.79 6.22 -17.55
C GLU B 139 -4.33 7.05 -16.39
N THR B 140 -5.25 7.95 -16.72
CA THR B 140 -5.69 8.99 -15.81
C THR B 140 -6.89 8.61 -14.96
N GLY B 141 -7.64 7.61 -15.41
CA GLY B 141 -8.98 7.35 -14.90
C GLY B 141 -9.94 8.03 -15.86
N LYS B 142 -11.20 7.65 -15.83
CA LYS B 142 -12.16 8.17 -16.80
C LYS B 142 -12.84 9.43 -16.29
N ASN B 143 -13.42 10.20 -17.21
CA ASN B 143 -14.10 11.44 -16.89
C ASN B 143 -13.18 12.47 -16.24
N VAL B 144 -11.87 12.28 -16.37
CA VAL B 144 -10.90 13.23 -15.84
C VAL B 144 -11.00 14.57 -16.57
N GLY B 145 -10.84 15.66 -15.82
CA GLY B 145 -10.90 16.99 -16.39
C GLY B 145 -12.32 17.55 -16.39
N ALA B 146 -13.30 16.66 -16.41
CA ALA B 146 -14.71 17.07 -16.42
C ALA B 146 -15.03 17.92 -15.21
N THR B 147 -15.77 19.00 -15.43
CA THR B 147 -16.14 19.93 -14.37
C THR B 147 -17.65 20.16 -14.35
N PHE B 148 -18.19 20.27 -13.14
CA PHE B 148 -19.61 20.50 -12.94
C PHE B 148 -19.82 21.69 -12.00
N LEU B 149 -21.01 22.26 -12.04
CA LEU B 149 -21.34 23.44 -11.25
C LEU B 149 -22.80 23.37 -10.85
N HIS B 150 -23.05 23.29 -9.54
CA HIS B 150 -24.40 23.15 -9.03
C HIS B 150 -24.80 24.34 -8.17
N ILE B 151 -26.02 24.81 -8.35
CA ILE B 151 -26.62 25.77 -7.44
C ILE B 151 -27.42 24.99 -6.40
N LEU B 152 -26.93 24.97 -5.17
CA LEU B 152 -27.58 24.23 -4.10
C LEU B 152 -28.88 24.90 -3.68
N LYS B 153 -29.87 24.09 -3.33
CA LYS B 153 -31.12 24.62 -2.81
C LYS B 153 -30.85 25.28 -1.44
N PRO B 154 -31.70 26.24 -1.05
CA PRO B 154 -31.49 26.97 0.21
C PRO B 154 -31.41 26.08 1.44
N GLU B 155 -31.96 24.88 1.37
CA GLU B 155 -32.07 24.01 2.54
C GLU B 155 -30.79 23.22 2.81
N VAL B 156 -29.95 23.08 1.79
CA VAL B 156 -28.68 22.36 1.94
C VAL B 156 -27.50 23.32 1.71
N THR B 157 -27.79 24.61 1.73
CA THR B 157 -26.76 25.62 1.54
C THR B 157 -25.94 25.76 2.83
N PRO B 158 -24.60 25.59 2.74
CA PRO B 158 -23.76 25.61 3.94
C PRO B 158 -23.97 26.83 4.84
N HIS B 159 -24.22 26.57 6.11
CA HIS B 159 -24.42 27.62 7.11
C HIS B 159 -25.61 28.53 6.75
N GLY B 160 -26.57 27.96 6.02
CA GLY B 160 -27.81 28.65 5.68
C GLY B 160 -27.62 30.01 5.03
N ASN B 161 -26.46 30.22 4.41
CA ASN B 161 -26.11 31.50 3.82
C ASN B 161 -26.14 31.44 2.29
N GLU B 162 -26.99 32.27 1.69
CA GLU B 162 -27.19 32.30 0.25
C GLU B 162 -25.88 32.44 -0.55
N MET B 163 -24.91 33.15 0.01
CA MET B 163 -23.65 33.37 -0.69
C MET B 163 -22.81 32.10 -0.85
N ASN B 164 -23.27 31.01 -0.24
CA ASN B 164 -22.55 29.73 -0.31
C ASN B 164 -23.31 28.66 -1.09
N ASP B 165 -24.28 29.08 -1.89
CA ASP B 165 -25.18 28.13 -2.56
C ASP B 165 -24.66 27.65 -3.91
N VAL B 166 -23.37 27.79 -4.16
CA VAL B 166 -22.77 27.30 -5.40
C VAL B 166 -21.54 26.46 -5.10
N MET B 167 -21.50 25.27 -5.68
CA MET B 167 -20.35 24.38 -5.55
C MET B 167 -19.88 23.92 -6.93
N LEU B 168 -18.60 23.57 -7.02
CA LEU B 168 -18.07 22.93 -8.22
C LEU B 168 -17.66 21.49 -7.90
N TYR B 169 -17.39 20.73 -8.95
CA TYR B 169 -17.05 19.32 -8.84
C TYR B 169 -16.12 18.97 -10.00
N THR B 170 -14.95 18.43 -9.68
CA THR B 170 -13.93 18.18 -10.70
C THR B 170 -13.23 16.85 -10.48
N VAL B 171 -12.77 16.25 -11.57
CA VAL B 171 -12.08 14.97 -11.53
C VAL B 171 -10.59 15.14 -11.85
N ALA B 172 -9.76 15.09 -10.82
CA ALA B 172 -8.32 15.22 -10.99
C ALA B 172 -7.74 13.98 -11.66
N PRO B 173 -6.66 14.14 -12.43
CA PRO B 173 -6.01 12.99 -13.07
C PRO B 173 -5.24 12.12 -12.07
N PHE B 174 -5.17 10.82 -12.33
CA PHE B 174 -4.41 9.91 -11.48
C PHE B 174 -2.92 10.18 -11.63
N GLY B 175 -2.19 10.13 -10.52
CA GLY B 175 -0.79 10.51 -10.51
C GLY B 175 0.12 9.55 -11.26
N ASN B 176 -0.30 8.29 -11.38
CA ASN B 176 0.54 7.27 -12.01
C ASN B 176 0.58 7.39 -13.53
N ALA B 177 -0.21 8.32 -14.08
CA ALA B 177 -0.20 8.56 -15.52
C ALA B 177 1.13 9.19 -15.92
N SER B 178 1.40 9.24 -17.23
CA SER B 178 2.64 9.80 -17.73
C SER B 178 2.72 11.28 -17.41
N ASP B 179 3.93 11.81 -17.25
CA ASP B 179 4.14 13.23 -17.01
C ASP B 179 3.52 14.06 -18.13
N SER B 180 3.54 13.51 -19.34
CA SER B 180 2.95 14.17 -20.49
C SER B 180 1.45 14.26 -20.35
N ALA B 181 0.79 13.11 -20.26
CA ALA B 181 -0.66 13.04 -20.18
C ALA B 181 -1.19 13.71 -18.92
N TYR B 182 -0.44 13.60 -17.82
CA TYR B 182 -0.85 14.18 -16.55
C TYR B 182 -0.97 15.70 -16.67
N ASN B 183 0.08 16.34 -17.16
CA ASN B 183 0.11 17.78 -17.30
C ASN B 183 -1.01 18.31 -18.21
N MET B 184 -1.20 17.66 -19.34
CA MET B 184 -2.27 18.03 -20.26
C MET B 184 -3.64 17.91 -19.59
N ALA B 185 -3.85 16.78 -18.90
CA ALA B 185 -5.10 16.54 -18.21
C ALA B 185 -5.29 17.53 -17.07
N TYR B 186 -4.20 17.92 -16.43
CA TYR B 186 -4.28 18.85 -15.31
C TYR B 186 -4.68 20.25 -15.78
N LYS B 187 -4.08 20.72 -16.87
CA LYS B 187 -4.44 22.02 -17.41
C LYS B 187 -5.81 21.91 -18.08
N ALA B 188 -6.15 20.72 -18.56
CA ALA B 188 -7.50 20.45 -19.04
C ALA B 188 -8.49 20.57 -17.87
N THR B 189 -8.05 20.14 -16.70
CA THR B 189 -8.87 20.19 -15.50
C THR B 189 -9.13 21.63 -15.09
N MET B 190 -8.07 22.43 -15.02
CA MET B 190 -8.17 23.80 -14.54
C MET B 190 -8.90 24.69 -15.53
N LEU B 191 -8.65 24.47 -16.82
CA LEU B 191 -9.37 25.19 -17.87
C LEU B 191 -10.88 24.99 -17.73
N GLY B 192 -11.27 23.78 -17.33
CA GLY B 192 -12.67 23.45 -17.14
C GLY B 192 -13.28 24.15 -15.95
N ILE B 193 -12.53 24.23 -14.85
CA ILE B 193 -12.99 24.92 -13.65
C ILE B 193 -13.21 26.40 -13.95
N VAL B 194 -12.18 27.05 -14.46
CA VAL B 194 -12.24 28.47 -14.77
C VAL B 194 -13.21 28.72 -15.91
N GLY B 195 -13.13 27.90 -16.94
CA GLY B 195 -13.97 28.03 -18.11
C GLY B 195 -15.45 27.89 -17.80
N ALA B 196 -15.78 27.02 -16.84
CA ALA B 196 -17.16 26.83 -16.44
C ALA B 196 -17.68 28.06 -15.73
N VAL B 197 -16.84 28.65 -14.88
CA VAL B 197 -17.20 29.85 -14.14
C VAL B 197 -17.35 31.04 -15.09
N SER B 198 -16.36 31.22 -15.96
CA SER B 198 -16.41 32.26 -16.98
C SER B 198 -17.67 32.16 -17.80
N GLU B 199 -18.01 30.94 -18.23
CA GLU B 199 -19.16 30.73 -19.10
C GLU B 199 -20.46 30.77 -18.31
N TYR B 200 -20.38 30.50 -17.01
CA TYR B 200 -21.56 30.54 -16.15
C TYR B 200 -21.94 31.97 -15.79
N ASN B 201 -20.93 32.81 -15.54
CA ASN B 201 -21.17 34.21 -15.23
C ASN B 201 -21.81 34.95 -16.40
N LYS B 202 -21.56 34.45 -17.61
CA LYS B 202 -22.15 35.03 -18.81
C LYS B 202 -23.66 34.74 -18.89
N THR B 203 -24.08 33.61 -18.34
CA THR B 203 -25.48 33.20 -18.41
C THR B 203 -26.34 34.07 -17.51
N PRO B 204 -27.68 33.98 -17.65
CA PRO B 204 -28.59 34.76 -16.81
C PRO B 204 -28.41 34.53 -15.31
N TRP B 205 -28.31 33.27 -14.90
CA TRP B 205 -28.12 32.95 -13.48
C TRP B 205 -26.81 33.55 -12.98
N GLY B 206 -25.86 33.73 -13.89
CA GLY B 206 -24.62 34.42 -13.57
C GLY B 206 -24.88 35.86 -13.19
N GLU B 207 -25.90 36.45 -13.80
CA GLU B 207 -26.27 37.85 -13.50
C GLU B 207 -26.87 37.95 -12.11
N VAL B 208 -27.40 36.84 -11.62
CA VAL B 208 -28.07 36.80 -10.31
C VAL B 208 -27.12 36.30 -9.23
N LYS B 209 -26.55 35.12 -9.44
CA LYS B 209 -25.64 34.50 -8.49
C LYS B 209 -24.26 34.33 -9.12
N PRO B 210 -23.52 35.43 -9.29
CA PRO B 210 -22.19 35.43 -9.92
C PRO B 210 -21.10 34.85 -9.04
N VAL B 211 -20.39 33.84 -9.53
CA VAL B 211 -19.26 33.28 -8.81
C VAL B 211 -18.14 34.30 -8.78
N GLU B 212 -18.00 34.98 -7.64
CA GLU B 212 -17.03 36.06 -7.50
C GLU B 212 -15.66 35.53 -7.11
N ALA B 213 -15.64 34.33 -6.52
CA ALA B 213 -14.39 33.66 -6.19
C ALA B 213 -14.60 32.15 -6.20
N ILE B 214 -13.50 31.41 -6.23
CA ILE B 214 -13.56 29.96 -6.20
C ILE B 214 -12.48 29.41 -5.27
N ARG B 215 -12.83 28.40 -4.49
CA ARG B 215 -11.93 27.81 -3.50
C ARG B 215 -11.45 26.41 -3.91
N LEU B 216 -10.16 26.30 -4.22
CA LEU B 216 -9.57 25.06 -4.71
C LEU B 216 -8.80 24.33 -3.61
N PRO B 217 -8.88 23.00 -3.60
CA PRO B 217 -7.90 22.19 -2.89
C PRO B 217 -6.73 21.88 -3.84
N LEU B 218 -5.79 21.05 -3.42
CA LEU B 218 -4.74 20.60 -4.31
C LEU B 218 -5.19 19.36 -5.05
N LEU B 219 -5.76 19.57 -6.24
CA LEU B 219 -6.26 18.48 -7.06
C LEU B 219 -5.15 17.51 -7.44
N GLY B 220 -5.47 16.21 -7.45
CA GLY B 220 -4.50 15.19 -7.76
C GLY B 220 -3.83 14.64 -6.52
N ALA B 221 -3.54 15.54 -5.57
CA ALA B 221 -2.94 15.15 -4.31
C ALA B 221 -3.96 14.45 -3.43
N GLY B 222 -3.49 13.54 -2.58
CA GLY B 222 -4.36 12.77 -1.71
C GLY B 222 -4.55 11.35 -2.18
N HIS B 223 -5.77 11.01 -2.58
CA HIS B 223 -6.11 9.64 -2.95
C HIS B 223 -5.84 9.33 -4.42
N PHE B 224 -5.85 10.36 -5.27
CA PHE B 224 -5.52 10.20 -6.68
C PHE B 224 -4.02 10.36 -6.93
N ARG B 225 -3.26 10.53 -5.85
CA ARG B 225 -1.84 10.85 -5.93
C ARG B 225 -0.98 9.67 -6.39
N GLY B 226 -1.22 8.50 -5.81
CA GLY B 226 -0.45 7.32 -6.15
C GLY B 226 1.02 7.46 -5.79
N ARG B 227 1.90 7.08 -6.71
CA ARG B 227 3.33 7.19 -6.51
C ARG B 227 3.87 8.56 -6.88
N ARG B 228 3.04 9.38 -7.54
CA ARG B 228 3.47 10.68 -8.04
C ARG B 228 3.88 11.62 -6.90
N GLY B 229 5.02 12.26 -7.07
CA GLY B 229 5.53 13.19 -6.07
C GLY B 229 4.75 14.48 -6.06
N LEU B 230 4.74 15.15 -4.90
CA LEU B 230 3.98 16.38 -4.75
C LEU B 230 4.62 17.54 -5.51
N HIS B 231 5.89 17.40 -5.85
CA HIS B 231 6.59 18.42 -6.63
C HIS B 231 5.97 18.55 -8.02
N SER B 232 5.93 17.44 -8.75
CA SER B 232 5.38 17.43 -10.10
C SER B 232 3.94 17.92 -10.14
N ILE B 233 3.23 17.76 -9.02
CA ILE B 233 1.84 18.19 -8.93
C ILE B 233 1.74 19.71 -8.79
N GLY B 234 2.59 20.27 -7.94
CA GLY B 234 2.61 21.71 -7.73
C GLY B 234 2.88 22.47 -9.02
N ARG B 235 3.76 21.92 -9.85
CA ARG B 235 4.08 22.53 -11.13
C ARG B 235 2.88 22.44 -12.07
N ALA B 236 2.39 21.22 -12.26
CA ALA B 236 1.25 20.97 -13.13
C ALA B 236 0.05 21.83 -12.74
N ASN B 237 -0.08 22.09 -11.44
CA ASN B 237 -1.11 22.99 -10.95
C ASN B 237 -0.83 24.43 -11.36
N ALA B 238 0.31 24.95 -10.92
CA ALA B 238 0.71 26.32 -11.22
C ALA B 238 0.63 26.60 -12.72
N VAL B 239 1.11 25.66 -13.53
CA VAL B 239 1.03 25.78 -14.97
C VAL B 239 -0.42 25.85 -15.44
N ALA B 240 -1.25 24.96 -14.90
CA ALA B 240 -2.65 24.87 -15.27
C ALA B 240 -3.38 26.18 -14.97
N VAL B 241 -3.07 26.78 -13.84
CA VAL B 241 -3.64 28.07 -13.47
C VAL B 241 -3.16 29.14 -14.44
N GLU B 242 -1.85 29.13 -14.69
CA GLU B 242 -1.21 30.09 -15.57
C GLU B 242 -1.84 30.11 -16.96
N ALA B 243 -2.29 28.94 -17.41
CA ALA B 243 -2.90 28.80 -18.73
C ALA B 243 -4.35 29.24 -18.74
N ALA B 244 -5.11 28.84 -17.73
CA ALA B 244 -6.53 29.14 -17.65
C ALA B 244 -6.77 30.63 -17.41
N ILE B 245 -5.86 31.28 -16.69
CA ILE B 245 -5.94 32.72 -16.48
C ILE B 245 -5.65 33.44 -17.79
N THR B 246 -4.62 32.99 -18.50
CA THR B 246 -4.27 33.55 -19.80
C THR B 246 -5.42 33.39 -20.78
N ARG B 247 -6.07 32.22 -20.76
CA ARG B 247 -7.18 31.94 -21.65
C ARG B 247 -8.38 32.85 -21.38
N PHE B 248 -8.96 32.71 -20.20
CA PHE B 248 -10.24 33.34 -19.89
C PHE B 248 -10.11 34.75 -19.32
N ASP B 249 -8.91 35.12 -18.87
CA ASP B 249 -8.65 36.44 -18.31
C ASP B 249 -9.76 36.82 -17.33
N PRO B 250 -9.98 35.98 -16.32
CA PRO B 250 -11.20 36.06 -15.50
C PRO B 250 -11.16 37.12 -14.40
N ARG B 251 -12.33 37.57 -13.98
CA ARG B 251 -12.45 38.51 -12.87
C ARG B 251 -12.50 37.77 -11.54
N VAL B 252 -12.74 36.46 -11.60
CA VAL B 252 -12.90 35.66 -10.39
C VAL B 252 -11.62 35.60 -9.57
N GLU B 253 -11.78 35.48 -8.26
CA GLU B 253 -10.65 35.41 -7.33
C GLU B 253 -10.31 33.97 -6.97
N LEU B 254 -9.03 33.64 -7.10
CA LEU B 254 -8.56 32.29 -6.77
C LEU B 254 -8.14 32.18 -5.31
N GLN B 255 -8.71 31.20 -4.62
CA GLN B 255 -8.29 30.84 -3.28
C GLN B 255 -7.76 29.42 -3.28
N PHE B 256 -6.72 29.16 -2.49
CA PHE B 256 -6.17 27.82 -2.34
C PHE B 256 -6.23 27.38 -0.88
N MET B 257 -6.83 26.23 -0.65
CA MET B 257 -7.00 25.69 0.69
C MET B 257 -5.69 25.09 1.17
N TYR B 258 -5.54 24.98 2.49
CA TYR B 258 -4.29 24.54 3.09
C TYR B 258 -4.10 23.03 3.07
N GLU B 259 -2.88 22.62 2.78
CA GLU B 259 -2.43 21.26 3.05
C GLU B 259 -0.99 21.35 3.55
N PRO B 260 -0.58 20.41 4.43
CA PRO B 260 0.72 20.50 5.11
C PRO B 260 1.92 20.78 4.21
N SER B 261 2.01 20.10 3.07
CA SER B 261 3.18 20.23 2.20
C SER B 261 3.25 21.63 1.59
N ASP B 262 2.12 22.34 1.58
CA ASP B 262 2.07 23.72 1.12
C ASP B 262 2.49 23.83 -0.34
N THR B 263 2.33 22.75 -1.09
CA THR B 263 2.81 22.68 -2.48
C THR B 263 1.92 23.43 -3.46
N ALA B 264 0.77 23.93 -3.00
CA ALA B 264 -0.08 24.76 -3.83
C ALA B 264 0.58 26.12 -4.02
N LEU B 265 1.13 26.66 -2.94
CA LEU B 265 1.83 27.93 -2.97
C LEU B 265 3.23 27.79 -3.56
N ARG B 266 3.85 26.66 -3.31
CA ARG B 266 5.24 26.42 -3.73
C ARG B 266 5.36 26.32 -5.25
N GLY B 267 4.36 25.71 -5.87
CA GLY B 267 4.37 25.52 -7.31
C GLY B 267 4.20 26.83 -8.06
N LEU B 268 3.36 27.71 -7.53
CA LEU B 268 3.11 29.01 -8.15
C LEU B 268 4.27 29.98 -7.90
N MET B 269 4.91 29.85 -6.75
CA MET B 269 6.03 30.72 -6.40
C MET B 269 7.19 30.54 -7.37
N GLU B 270 7.53 29.29 -7.66
CA GLU B 270 8.57 29.00 -8.63
C GLU B 270 8.18 29.50 -10.02
N SER B 271 6.88 29.45 -10.30
CA SER B 271 6.36 29.94 -11.58
C SER B 271 6.59 31.43 -11.69
N GLU B 272 6.46 32.12 -10.56
CA GLU B 272 6.69 33.57 -10.52
C GLU B 272 8.18 33.88 -10.66
N PRO C 8 14.35 -6.08 -0.53
CA PRO C 8 14.04 -6.09 0.91
C PRO C 8 12.63 -6.56 1.20
N LEU C 9 12.47 -7.44 2.18
CA LEU C 9 11.16 -7.92 2.61
C LEU C 9 10.80 -7.36 3.98
N THR C 10 9.79 -6.51 4.02
CA THR C 10 9.33 -5.92 5.27
C THR C 10 8.16 -6.71 5.86
N LEU C 11 8.21 -6.93 7.16
CA LEU C 11 7.16 -7.65 7.88
C LEU C 11 6.97 -7.09 9.28
N ARG C 12 5.72 -6.86 9.66
CA ARG C 12 5.39 -6.35 10.98
C ARG C 12 5.10 -7.50 11.95
N PHE C 13 5.85 -7.53 13.05
CA PHE C 13 5.67 -8.55 14.08
C PHE C 13 4.95 -7.94 15.29
N THR C 14 3.90 -8.59 15.75
CA THR C 14 3.12 -8.08 16.87
C THR C 14 3.78 -8.45 18.20
N CYS C 15 4.61 -9.48 18.19
CA CYS C 15 5.32 -9.90 19.39
C CYS C 15 6.51 -8.98 19.64
N LEU C 16 6.79 -8.09 18.69
CA LEU C 16 7.80 -7.05 18.86
C LEU C 16 7.13 -5.69 19.04
N GLY C 17 5.87 -5.71 19.45
CA GLY C 17 5.11 -4.49 19.63
C GLY C 17 4.80 -3.79 18.33
N ASP C 18 4.17 -4.51 17.41
CA ASP C 18 3.71 -3.94 16.14
C ASP C 18 4.85 -3.32 15.33
N ARG C 19 6.03 -3.92 15.41
CA ARG C 19 7.22 -3.35 14.77
C ARG C 19 7.57 -4.02 13.45
N ASN C 20 7.98 -3.20 12.48
CA ASN C 20 8.45 -3.68 11.20
C ASN C 20 9.88 -4.18 11.29
N VAL C 21 10.21 -5.17 10.46
CA VAL C 21 11.56 -5.71 10.38
C VAL C 21 11.88 -6.08 8.94
N ILE C 22 13.06 -5.67 8.47
CA ILE C 22 13.47 -5.93 7.09
C ILE C 22 14.30 -7.20 7.00
N PHE C 23 13.96 -8.04 6.02
CA PHE C 23 14.70 -9.27 5.76
C PHE C 23 15.15 -9.29 4.30
N PHE C 24 16.38 -8.87 4.05
CA PHE C 24 16.91 -8.82 2.70
C PHE C 24 16.88 -10.18 2.03
N GLY C 25 16.68 -10.17 0.71
CA GLY C 25 16.79 -11.37 -0.10
C GLY C 25 18.19 -11.50 -0.65
N PRO C 26 18.41 -12.49 -1.54
CA PRO C 26 19.72 -12.72 -2.16
C PRO C 26 20.30 -11.48 -2.83
N PHE C 33 25.33 -12.40 -0.52
CA PHE C 33 25.50 -11.57 0.67
C PHE C 33 25.06 -10.14 0.42
N THR C 34 24.25 -9.63 1.34
CA THR C 34 23.76 -8.26 1.27
C THR C 34 24.84 -7.35 1.85
N PRO C 35 25.27 -6.33 1.09
CA PRO C 35 26.50 -5.61 1.45
C PRO C 35 26.41 -4.85 2.78
N LEU C 36 27.56 -4.67 3.42
CA LEU C 36 27.63 -4.02 4.73
C LEU C 36 26.97 -2.65 4.73
N TYR C 37 27.23 -1.86 3.69
CA TYR C 37 26.64 -0.54 3.56
C TYR C 37 26.23 -0.26 2.13
N ASP C 38 25.11 0.44 1.97
CA ASP C 38 24.61 0.84 0.66
C ASP C 38 25.37 2.07 0.17
N PRO C 39 25.36 2.33 -1.14
CA PRO C 39 26.11 3.46 -1.68
C PRO C 39 25.34 4.78 -1.64
N SER C 40 24.01 4.70 -1.69
CA SER C 40 23.16 5.89 -1.65
C SER C 40 22.04 5.73 -0.62
N PRO C 41 22.40 5.61 0.66
CA PRO C 41 21.42 5.41 1.72
C PRO C 41 20.59 6.66 2.02
N SER C 42 19.36 6.46 2.46
CA SER C 42 18.50 7.56 2.89
C SER C 42 18.70 7.83 4.37
N LYS C 43 18.93 6.76 5.13
CA LYS C 43 19.15 6.85 6.57
C LYS C 43 20.51 6.26 6.95
N ARG C 44 21.03 6.66 8.10
CA ARG C 44 22.29 6.12 8.59
C ARG C 44 22.05 4.80 9.30
N VAL C 45 22.59 3.73 8.73
CA VAL C 45 22.35 2.38 9.23
C VAL C 45 23.65 1.76 9.72
N ALA C 46 23.69 1.45 11.02
CA ALA C 46 24.88 0.86 11.63
C ALA C 46 24.88 -0.66 11.48
N THR C 47 25.82 -1.16 10.68
CA THR C 47 25.94 -2.60 10.45
C THR C 47 26.75 -3.25 11.57
N VAL C 48 26.22 -4.35 12.11
CA VAL C 48 26.87 -5.05 13.22
C VAL C 48 27.89 -6.06 12.72
N ASP C 49 29.11 -5.95 13.23
CA ASP C 49 30.18 -6.88 12.90
C ASP C 49 30.16 -8.10 13.81
N ALA C 50 30.14 -9.28 13.20
CA ALA C 50 30.24 -10.53 13.95
C ALA C 50 31.69 -10.72 14.38
N GLY C 51 32.02 -10.21 15.55
CA GLY C 51 33.40 -10.14 16.00
C GLY C 51 33.94 -11.41 16.66
N THR C 52 35.24 -11.40 16.89
CA THR C 52 35.94 -12.51 17.55
C THR C 52 36.01 -12.25 19.05
N TYR C 53 36.42 -13.26 19.81
CA TYR C 53 36.64 -13.10 21.24
C TYR C 53 37.92 -12.31 21.48
N GLY C 54 38.82 -12.32 20.50
CA GLY C 54 40.04 -11.54 20.55
C GLY C 54 39.79 -10.05 20.42
N LEU C 55 38.55 -9.69 20.12
CA LEU C 55 38.13 -8.29 20.06
C LEU C 55 38.84 -7.47 18.99
N PHE C 56 39.36 -8.16 17.96
CA PHE C 56 40.06 -7.47 16.87
C PHE C 56 39.27 -7.48 15.57
N ILE C 57 39.35 -6.39 14.82
CA ILE C 57 38.73 -6.33 13.50
C ILE C 57 39.67 -6.93 12.46
N GLY C 58 39.12 -7.76 11.59
CA GLY C 58 39.87 -8.47 10.57
C GLY C 58 39.63 -9.96 10.64
N GLY C 59 40.55 -10.75 10.07
CA GLY C 59 40.48 -12.19 10.17
C GLY C 59 39.48 -12.81 9.22
N VAL C 60 38.85 -13.91 9.64
CA VAL C 60 37.94 -14.66 8.78
C VAL C 60 36.51 -14.14 8.84
N GLY C 61 35.70 -14.52 7.85
CA GLY C 61 34.27 -14.27 7.88
C GLY C 61 33.88 -12.82 7.65
N MET C 62 32.71 -12.44 8.16
CA MET C 62 32.18 -11.08 8.02
C MET C 62 33.12 -10.04 8.61
N ASN C 63 33.79 -10.40 9.71
CA ASN C 63 34.79 -9.52 10.32
C ASN C 63 35.89 -9.20 9.33
N GLY C 64 36.26 -10.19 8.52
CA GLY C 64 37.24 -10.01 7.46
C GLY C 64 36.74 -9.06 6.39
N GLU C 65 35.43 -9.02 6.19
CA GLU C 65 34.84 -8.12 5.20
C GLU C 65 34.87 -6.69 5.71
N PHE C 66 34.60 -6.51 7.00
CA PHE C 66 34.63 -5.19 7.61
C PHE C 66 36.02 -4.57 7.47
N ALA C 67 37.04 -5.39 7.62
CA ALA C 67 38.42 -4.95 7.47
C ALA C 67 38.72 -4.61 6.00
N ASP C 68 38.33 -5.51 5.11
CA ASP C 68 38.50 -5.29 3.67
C ASP C 68 37.84 -3.99 3.25
N THR C 69 36.66 -3.71 3.79
CA THR C 69 35.92 -2.51 3.47
C THR C 69 36.63 -1.27 3.99
N ILE C 70 37.13 -1.34 5.21
CA ILE C 70 37.81 -0.22 5.85
C ILE C 70 39.17 0.04 5.22
N ILE C 71 39.87 -1.03 4.87
CA ILE C 71 41.24 -0.94 4.36
C ILE C 71 41.29 -0.44 2.92
N GLU C 72 40.40 -0.93 2.07
CA GLU C 72 40.34 -0.52 0.67
C GLU C 72 39.81 0.92 0.57
N GLU C 73 38.95 1.29 1.51
CA GLU C 73 38.44 2.65 1.58
C GLU C 73 39.54 3.59 2.06
N ALA C 74 40.44 3.06 2.88
CA ALA C 74 41.58 3.81 3.37
C ALA C 74 42.63 3.97 2.26
N LEU C 81 47.62 2.00 5.99
CA LEU C 81 46.88 1.18 6.94
C LEU C 81 46.78 -0.27 6.47
N THR C 82 47.64 -1.13 7.03
CA THR C 82 47.57 -2.55 6.74
C THR C 82 46.57 -3.23 7.67
N ALA C 83 46.35 -4.52 7.46
CA ALA C 83 45.42 -5.28 8.28
C ALA C 83 45.95 -5.41 9.70
N THR C 84 47.23 -5.72 9.83
CA THR C 84 47.87 -5.91 11.13
C THR C 84 47.77 -4.64 11.97
N GLU C 85 47.79 -3.48 11.32
CA GLU C 85 47.62 -2.21 12.02
C GLU C 85 46.19 -2.08 12.52
N LEU C 86 45.23 -2.38 11.66
CA LEU C 86 43.82 -2.33 12.01
C LEU C 86 43.48 -3.34 13.10
N SER C 87 44.04 -4.54 12.96
CA SER C 87 43.77 -5.63 13.89
C SER C 87 44.27 -5.30 15.29
N ALA C 88 45.47 -4.73 15.36
CA ALA C 88 46.08 -4.37 16.64
C ALA C 88 45.41 -3.14 17.24
N GLU C 89 45.09 -2.18 16.39
CA GLU C 89 44.47 -0.93 16.83
C GLU C 89 43.09 -1.20 17.38
N SER C 90 42.27 -1.93 16.62
CA SER C 90 40.91 -2.26 17.03
C SER C 90 40.88 -3.06 18.34
N GLN C 91 41.89 -3.92 18.53
CA GLN C 91 41.93 -4.78 19.70
C GLN C 91 42.19 -3.99 20.99
N GLU C 92 43.22 -3.14 20.97
CA GLU C 92 43.58 -2.37 22.15
C GLU C 92 42.47 -1.42 22.57
N ILE C 93 41.81 -0.81 21.60
CA ILE C 93 40.73 0.13 21.87
C ILE C 93 39.58 -0.58 22.57
N GLN C 94 39.17 -1.73 22.02
CA GLN C 94 38.03 -2.46 22.52
C GLN C 94 38.37 -3.25 23.78
N GLU C 95 39.64 -3.58 23.95
CA GLU C 95 40.08 -4.24 25.18
C GLU C 95 39.92 -3.31 26.38
N ARG C 96 40.23 -2.03 26.20
CA ARG C 96 40.12 -1.05 27.25
C ARG C 96 38.66 -0.60 27.45
N LEU C 97 37.91 -0.59 26.36
CA LEU C 97 36.50 -0.25 26.42
C LEU C 97 35.70 -1.36 27.09
N LEU C 98 36.23 -2.58 27.02
CA LEU C 98 35.59 -3.73 27.65
C LEU C 98 35.79 -3.66 29.17
N HIS C 99 37.00 -3.33 29.60
CA HIS C 99 37.29 -3.17 31.02
C HIS C 99 36.41 -2.09 31.65
N ASP C 100 36.21 -1.00 30.92
CA ASP C 100 35.41 0.11 31.41
C ASP C 100 33.92 -0.22 31.48
N ALA C 101 33.43 -0.92 30.46
CA ALA C 101 32.02 -1.27 30.41
C ALA C 101 31.67 -2.34 31.43
N GLU C 102 32.64 -3.20 31.75
CA GLU C 102 32.42 -4.26 32.73
C GLU C 102 32.28 -3.70 34.14
N ARG C 103 32.99 -2.61 34.42
CA ARG C 103 32.84 -1.90 35.69
C ARG C 103 31.39 -1.52 35.93
N GLN C 104 30.74 -1.03 34.87
CA GLN C 104 29.38 -0.52 34.97
C GLN C 104 28.45 -1.16 33.94
N PRO C 105 27.82 -2.29 34.33
CA PRO C 105 26.78 -2.86 33.48
C PRO C 105 25.62 -1.89 33.25
N GLY C 106 25.17 -1.78 32.00
CA GLY C 106 24.02 -0.95 31.69
C GLY C 106 24.36 0.48 31.33
N THR C 107 25.62 0.85 31.50
CA THR C 107 26.09 2.19 31.14
C THR C 107 26.94 2.15 29.89
N LEU C 108 26.74 3.14 29.02
CA LEU C 108 27.61 3.32 27.87
C LEU C 108 28.92 3.92 28.34
N VAL C 109 30.02 3.48 27.74
CA VAL C 109 31.34 4.03 28.03
C VAL C 109 31.96 4.47 26.71
N GLU C 110 32.96 5.34 26.79
CA GLU C 110 33.36 6.15 25.65
C GLU C 110 34.80 6.66 25.75
N ILE C 111 35.47 6.71 24.61
CA ILE C 111 36.82 7.26 24.51
C ILE C 111 37.03 7.95 23.16
N ASP C 112 37.80 9.04 23.15
CA ASP C 112 38.11 9.78 21.94
C ASP C 112 39.20 9.06 21.17
N SER C 113 38.79 8.15 20.28
CA SER C 113 39.73 7.33 19.54
C SER C 113 40.47 8.13 18.47
N GLY C 114 39.80 9.16 17.94
CA GLY C 114 40.31 9.93 16.82
C GLY C 114 41.67 10.58 17.04
N ARG C 115 41.97 10.93 18.28
CA ARG C 115 43.23 11.62 18.58
C ARG C 115 44.45 10.74 18.31
N PHE C 116 44.28 9.42 18.42
CA PHE C 116 45.38 8.48 18.22
C PHE C 116 45.03 7.41 17.18
N SER C 117 44.06 7.71 16.31
CA SER C 117 43.61 6.75 15.31
C SER C 117 43.37 7.39 13.95
N ARG C 118 43.76 6.68 12.90
CA ARG C 118 43.49 7.10 11.53
C ARG C 118 42.15 6.57 11.05
N VAL C 119 41.56 5.66 11.82
CA VAL C 119 40.33 4.96 11.43
C VAL C 119 39.12 5.45 12.20
N PHE C 120 39.15 5.30 13.52
CA PHE C 120 37.99 5.58 14.36
C PHE C 120 37.98 7.02 14.86
N ALA C 121 36.95 7.75 14.48
CA ALA C 121 36.74 9.10 14.97
C ALA C 121 36.47 9.07 16.47
N ARG C 122 35.60 8.16 16.88
CA ARG C 122 35.27 7.98 18.29
C ARG C 122 34.68 6.60 18.52
N SER C 123 34.83 6.08 19.74
CA SER C 123 34.41 4.72 20.06
C SER C 123 33.61 4.65 21.35
N PHE C 124 32.69 3.69 21.41
CA PHE C 124 31.88 3.46 22.59
C PHE C 124 31.86 1.96 22.93
N ALA C 125 31.19 1.63 24.03
CA ALA C 125 31.02 0.23 24.42
C ALA C 125 29.93 0.08 25.47
N TYR C 126 29.27 -1.08 25.46
CA TYR C 126 28.14 -1.33 26.33
C TYR C 126 27.94 -2.82 26.57
N VAL C 127 27.62 -3.19 27.81
CA VAL C 127 27.29 -4.56 28.15
C VAL C 127 26.13 -4.58 29.15
N ALA C 128 25.12 -5.39 28.85
CA ALA C 128 23.92 -5.47 29.68
C ALA C 128 24.16 -6.42 30.85
N ILE C 129 24.99 -7.43 30.60
CA ILE C 129 25.31 -8.44 31.61
C ILE C 129 26.80 -8.74 31.54
N VAL C 130 27.46 -8.74 32.69
CA VAL C 130 28.90 -8.97 32.73
C VAL C 130 29.22 -10.37 32.21
N PRO C 131 30.13 -10.48 31.23
CA PRO C 131 30.45 -11.81 30.71
C PRO C 131 31.02 -12.75 31.78
N ASN C 132 30.80 -14.04 31.59
CA ASN C 132 31.39 -15.07 32.45
C ASN C 132 30.91 -15.01 33.90
N THR C 133 29.70 -14.49 34.11
CA THR C 133 29.10 -14.46 35.45
C THR C 133 27.85 -15.34 35.49
N VAL C 134 27.05 -15.27 34.44
CA VAL C 134 25.82 -16.06 34.34
C VAL C 134 26.09 -17.33 33.53
N TRP C 135 27.18 -17.31 32.76
CA TRP C 135 27.59 -18.48 31.98
C TRP C 135 29.09 -18.72 32.12
N ASP C 136 29.57 -19.83 31.57
CA ASP C 136 30.99 -20.18 31.61
C ASP C 136 31.66 -19.78 30.29
N GLU C 137 32.74 -19.01 30.38
CA GLU C 137 33.39 -18.49 29.18
C GLU C 137 34.18 -19.57 28.43
N SER C 138 34.55 -20.64 29.11
CA SER C 138 35.25 -21.74 28.44
C SER C 138 34.30 -22.42 27.46
N GLU C 139 33.00 -22.34 27.73
CA GLU C 139 31.98 -22.83 26.81
C GLU C 139 31.73 -21.82 25.69
N THR C 140 31.13 -20.69 26.07
CA THR C 140 30.69 -19.68 25.11
C THR C 140 31.85 -18.94 24.45
N GLY C 141 32.96 -18.83 25.16
CA GLY C 141 34.07 -17.97 24.75
C GLY C 141 34.05 -16.73 25.62
N LYS C 142 35.19 -16.05 25.70
CA LYS C 142 35.30 -14.87 26.56
C LYS C 142 34.85 -13.61 25.84
N ASN C 143 34.38 -12.64 26.61
CA ASN C 143 33.91 -11.35 26.10
C ASN C 143 32.62 -11.45 25.29
N VAL C 144 31.85 -12.50 25.53
CA VAL C 144 30.55 -12.65 24.88
C VAL C 144 29.56 -11.65 25.46
N GLY C 145 28.76 -11.03 24.59
CA GLY C 145 27.79 -10.03 25.00
C GLY C 145 28.37 -8.62 24.94
N ALA C 146 29.69 -8.51 24.84
CA ALA C 146 30.36 -7.22 24.78
C ALA C 146 30.09 -6.52 23.45
N THR C 147 29.44 -5.38 23.51
CA THR C 147 29.06 -4.63 22.32
C THR C 147 29.83 -3.30 22.23
N PHE C 148 30.39 -3.03 21.06
CA PHE C 148 31.14 -1.80 20.82
C PHE C 148 30.52 -0.99 19.69
N LEU C 149 30.57 0.34 19.81
CA LEU C 149 30.07 1.23 18.77
C LEU C 149 31.14 2.24 18.40
N HIS C 150 31.53 2.24 17.12
CA HIS C 150 32.56 3.16 16.64
C HIS C 150 32.01 4.11 15.59
N ILE C 151 32.45 5.36 15.65
CA ILE C 151 32.20 6.33 14.59
C ILE C 151 33.47 6.41 13.74
N LEU C 152 33.31 6.26 12.43
CA LEU C 152 34.44 6.19 11.53
C LEU C 152 34.86 7.57 11.01
N LYS C 153 36.17 7.75 10.85
CA LYS C 153 36.68 8.94 10.18
C LYS C 153 36.23 8.92 8.73
N PRO C 154 36.08 10.10 8.10
CA PRO C 154 35.67 10.17 6.70
C PRO C 154 36.59 9.40 5.74
N GLU C 155 37.85 9.25 6.11
CA GLU C 155 38.84 8.63 5.23
C GLU C 155 38.66 7.12 5.12
N VAL C 156 37.88 6.54 6.03
CA VAL C 156 37.65 5.10 6.04
C VAL C 156 36.17 4.76 5.91
N THR C 157 35.32 5.79 5.89
CA THR C 157 33.88 5.60 5.76
C THR C 157 33.56 4.99 4.39
N PRO C 158 32.92 3.80 4.38
CA PRO C 158 32.69 3.08 3.12
C PRO C 158 31.80 3.83 2.14
N HIS C 159 32.11 3.71 0.85
CA HIS C 159 31.35 4.36 -0.22
C HIS C 159 31.38 5.89 -0.10
N GLY C 160 32.27 6.40 0.75
CA GLY C 160 32.41 7.82 0.96
C GLY C 160 31.09 8.56 1.18
N ASN C 161 30.31 8.09 2.15
CA ASN C 161 29.01 8.69 2.43
C ASN C 161 28.87 9.03 3.91
N GLU C 162 28.27 10.18 4.19
CA GLU C 162 28.06 10.67 5.56
C GLU C 162 27.39 9.64 6.47
N MET C 163 26.34 9.00 5.95
CA MET C 163 25.45 8.19 6.76
C MET C 163 25.95 6.75 6.98
N ASN C 164 27.13 6.44 6.45
CA ASN C 164 27.72 5.10 6.59
C ASN C 164 28.91 5.07 7.54
N ASP C 165 28.94 5.98 8.51
CA ASP C 165 30.10 6.14 9.37
C ASP C 165 29.94 5.53 10.77
N VAL C 166 28.86 4.78 10.98
CA VAL C 166 28.63 4.08 12.25
C VAL C 166 28.71 2.57 12.05
N MET C 167 29.46 1.90 12.92
CA MET C 167 29.53 0.44 12.91
C MET C 167 29.38 -0.11 14.32
N LEU C 168 28.95 -1.37 14.40
CA LEU C 168 28.87 -2.08 15.67
C LEU C 168 29.75 -3.33 15.62
N TYR C 169 30.09 -3.84 16.81
CA TYR C 169 30.99 -4.99 16.93
C TYR C 169 30.61 -5.76 18.19
N THR C 170 30.27 -7.04 18.02
CA THR C 170 29.88 -7.87 19.17
C THR C 170 30.47 -9.26 19.09
N VAL C 171 30.32 -9.99 20.19
CA VAL C 171 30.81 -11.35 20.30
C VAL C 171 29.65 -12.29 20.63
N ALA C 172 29.30 -13.15 19.69
CA ALA C 172 28.21 -14.09 19.88
C ALA C 172 28.68 -15.31 20.64
N PRO C 173 27.75 -16.02 21.32
CA PRO C 173 28.14 -17.26 21.99
C PRO C 173 28.52 -18.35 20.99
N PHE C 174 29.48 -19.18 21.36
CA PHE C 174 29.85 -20.33 20.54
C PHE C 174 28.72 -21.36 20.55
N GLY C 175 28.49 -22.00 19.42
CA GLY C 175 27.36 -22.91 19.28
C GLY C 175 27.41 -24.13 20.17
N ASN C 176 28.62 -24.59 20.50
CA ASN C 176 28.78 -25.80 21.28
C ASN C 176 28.43 -25.61 22.76
N ALA C 177 28.06 -24.39 23.13
CA ALA C 177 27.64 -24.10 24.50
C ALA C 177 26.31 -24.79 24.78
N SER C 178 26.02 -25.00 26.07
CA SER C 178 24.77 -25.61 26.48
C SER C 178 23.59 -24.75 26.02
N ASP C 179 22.42 -25.37 25.89
CA ASP C 179 21.21 -24.67 25.46
C ASP C 179 20.89 -23.49 26.37
N SER C 180 20.93 -23.74 27.68
CA SER C 180 20.57 -22.72 28.66
C SER C 180 21.62 -21.60 28.66
N ALA C 181 22.88 -21.97 28.45
CA ALA C 181 23.97 -21.01 28.41
C ALA C 181 23.90 -20.18 27.12
N TYR C 182 23.73 -20.88 26.00
CA TYR C 182 23.67 -20.24 24.69
C TYR C 182 22.56 -19.20 24.64
N ASN C 183 21.35 -19.61 25.04
CA ASN C 183 20.18 -18.76 24.96
C ASN C 183 20.32 -17.48 25.79
N MET C 184 20.92 -17.59 26.97
CA MET C 184 21.14 -16.41 27.81
C MET C 184 22.28 -15.56 27.27
N ALA C 185 23.34 -16.21 26.82
CA ALA C 185 24.47 -15.52 26.23
C ALA C 185 24.05 -14.78 24.96
N TYR C 186 23.07 -15.34 24.26
CA TYR C 186 22.59 -14.75 23.02
C TYR C 186 21.72 -13.52 23.28
N LYS C 187 20.84 -13.61 24.27
CA LYS C 187 19.94 -12.51 24.57
C LYS C 187 20.70 -11.41 25.31
N ALA C 188 21.80 -11.78 25.95
CA ALA C 188 22.69 -10.78 26.55
C ALA C 188 23.41 -10.03 25.44
N THR C 189 23.69 -10.74 24.34
CA THR C 189 24.35 -10.14 23.20
C THR C 189 23.42 -9.18 22.48
N MET C 190 22.15 -9.54 22.38
CA MET C 190 21.17 -8.72 21.68
C MET C 190 20.77 -7.53 22.55
N LEU C 191 20.84 -7.69 23.86
CA LEU C 191 20.59 -6.59 24.79
C LEU C 191 21.70 -5.54 24.67
N GLY C 192 22.89 -6.01 24.33
CA GLY C 192 24.04 -5.13 24.14
C GLY C 192 23.89 -4.31 22.87
N ILE C 193 23.41 -4.96 21.81
CA ILE C 193 23.18 -4.28 20.54
C ILE C 193 22.25 -3.09 20.74
N VAL C 194 21.01 -3.39 21.12
CA VAL C 194 19.98 -2.37 21.26
C VAL C 194 20.35 -1.36 22.32
N GLY C 195 20.89 -1.85 23.44
CA GLY C 195 21.31 -0.98 24.53
C GLY C 195 22.36 0.02 24.09
N ALA C 196 23.40 -0.47 23.42
CA ALA C 196 24.48 0.39 22.93
C ALA C 196 23.95 1.45 21.97
N VAL C 197 22.95 1.08 21.19
CA VAL C 197 22.36 1.99 20.22
C VAL C 197 21.38 2.94 20.91
N SER C 198 20.59 2.40 21.83
CA SER C 198 19.63 3.20 22.58
C SER C 198 20.31 4.28 23.39
N GLU C 199 21.44 3.94 24.01
CA GLU C 199 22.17 4.89 24.85
C GLU C 199 22.89 5.91 23.99
N TYR C 200 23.39 5.48 22.84
CA TYR C 200 24.13 6.36 21.94
C TYR C 200 23.21 7.42 21.34
N ASN C 201 21.95 7.07 21.12
CA ASN C 201 20.98 8.03 20.59
C ASN C 201 20.69 9.15 21.58
N LYS C 202 20.70 8.79 22.86
CA LYS C 202 20.50 9.77 23.93
C LYS C 202 21.69 10.72 24.02
N THR C 203 22.85 10.24 23.58
CA THR C 203 24.10 10.98 23.70
C THR C 203 24.15 12.17 22.73
N PRO C 204 24.90 13.23 23.10
CA PRO C 204 25.10 14.40 22.23
C PRO C 204 25.52 14.05 20.81
N TRP C 205 26.54 13.21 20.66
CA TRP C 205 26.98 12.77 19.34
C TRP C 205 25.86 12.05 18.60
N GLY C 206 24.87 11.57 19.35
CA GLY C 206 23.74 10.88 18.77
C GLY C 206 22.72 11.83 18.19
N GLU C 207 22.52 12.97 18.85
CA GLU C 207 21.56 13.96 18.38
C GLU C 207 21.96 14.46 16.99
N VAL C 208 23.27 14.51 16.76
CA VAL C 208 23.80 14.91 15.45
C VAL C 208 23.77 13.73 14.47
N LYS C 209 24.30 12.60 14.92
CA LYS C 209 24.32 11.38 14.10
C LYS C 209 23.52 10.25 14.75
N PRO C 210 22.18 10.35 14.72
CA PRO C 210 21.34 9.31 15.35
C PRO C 210 21.17 8.08 14.48
N VAL C 211 21.71 6.95 14.94
CA VAL C 211 21.56 5.69 14.21
C VAL C 211 20.09 5.37 14.07
N GLU C 212 19.60 5.33 12.84
CA GLU C 212 18.18 5.19 12.57
C GLU C 212 17.77 3.74 12.42
N ALA C 213 18.69 2.90 11.95
CA ALA C 213 18.42 1.48 11.77
C ALA C 213 19.67 0.65 12.03
N ILE C 214 19.47 -0.62 12.36
CA ILE C 214 20.58 -1.53 12.63
C ILE C 214 20.53 -2.71 11.66
N ARG C 215 21.65 -2.95 10.97
CA ARG C 215 21.76 -4.08 10.06
C ARG C 215 22.50 -5.24 10.71
N LEU C 216 21.77 -6.32 10.97
CA LEU C 216 22.31 -7.47 11.69
C LEU C 216 22.60 -8.66 10.78
N PRO C 217 23.71 -9.38 11.05
CA PRO C 217 23.85 -10.73 10.50
C PRO C 217 23.21 -11.73 11.47
N LEU C 218 23.01 -12.97 11.03
CA LEU C 218 22.59 -14.01 11.96
C LEU C 218 23.81 -14.40 12.80
N LEU C 219 23.82 -13.98 14.06
CA LEU C 219 24.99 -14.14 14.91
C LEU C 219 25.24 -15.60 15.28
N GLY C 220 26.51 -16.00 15.22
CA GLY C 220 26.91 -17.36 15.55
C GLY C 220 26.53 -18.37 14.49
N ALA C 221 26.44 -17.92 13.25
CA ALA C 221 25.93 -18.75 12.15
C ALA C 221 27.03 -19.26 11.22
N GLY C 222 28.23 -18.70 11.34
CA GLY C 222 29.34 -19.07 10.48
C GLY C 222 30.32 -20.01 11.13
N HIS C 223 31.58 -19.62 11.17
CA HIS C 223 32.62 -20.42 11.83
C HIS C 223 32.32 -20.62 13.31
N PHE C 224 31.42 -19.79 13.85
CA PHE C 224 31.05 -19.84 15.26
C PHE C 224 30.06 -20.97 15.58
N ARG C 225 29.45 -21.54 14.55
CA ARG C 225 28.42 -22.55 14.74
C ARG C 225 28.93 -23.81 15.44
N GLY C 226 29.85 -24.51 14.80
CA GLY C 226 30.29 -25.80 15.30
C GLY C 226 29.20 -26.83 15.08
N ARG C 227 28.84 -27.55 16.14
CA ARG C 227 27.85 -28.62 16.04
C ARG C 227 26.41 -28.12 16.04
N ARG C 228 26.19 -26.91 16.54
CA ARG C 228 24.84 -26.39 16.71
C ARG C 228 24.07 -26.27 15.40
N GLY C 229 22.76 -26.49 15.47
CA GLY C 229 21.90 -26.40 14.31
C GLY C 229 21.33 -25.00 14.14
N LEU C 230 21.22 -24.57 12.89
CA LEU C 230 20.76 -23.21 12.58
C LEU C 230 19.38 -22.89 13.14
N HIS C 231 18.56 -23.92 13.35
CA HIS C 231 17.21 -23.73 13.84
C HIS C 231 17.19 -23.16 15.25
N SER C 232 18.02 -23.72 16.12
CA SER C 232 18.09 -23.25 17.50
C SER C 232 18.64 -21.83 17.56
N ILE C 233 19.57 -21.51 16.68
CA ILE C 233 20.14 -20.17 16.59
C ILE C 233 19.05 -19.18 16.21
N GLY C 234 18.22 -19.58 15.25
CA GLY C 234 17.10 -18.75 14.83
C GLY C 234 16.14 -18.52 15.98
N ARG C 235 16.05 -19.51 16.87
CA ARG C 235 15.20 -19.40 18.05
C ARG C 235 15.85 -18.52 19.11
N ALA C 236 17.14 -18.76 19.35
CA ALA C 236 17.89 -17.96 20.33
C ALA C 236 17.89 -16.50 19.91
N ASN C 237 17.98 -16.26 18.60
CA ASN C 237 17.96 -14.91 18.06
C ASN C 237 16.57 -14.28 18.18
N ALA C 238 15.54 -15.09 17.94
CA ALA C 238 14.16 -14.62 17.99
C ALA C 238 13.78 -14.16 19.39
N VAL C 239 14.12 -14.98 20.38
CA VAL C 239 13.85 -14.63 21.77
C VAL C 239 14.70 -13.44 22.19
N ALA C 240 15.95 -13.43 21.75
CA ALA C 240 16.89 -12.36 22.08
C ALA C 240 16.38 -10.99 21.61
N VAL C 241 15.93 -10.93 20.37
CA VAL C 241 15.39 -9.69 19.81
C VAL C 241 14.12 -9.29 20.56
N GLU C 242 13.30 -10.29 20.88
CA GLU C 242 12.04 -10.05 21.55
C GLU C 242 12.22 -9.39 22.91
N ALA C 243 13.14 -9.92 23.70
CA ALA C 243 13.43 -9.37 25.02
C ALA C 243 14.00 -7.96 24.90
N ALA C 244 14.87 -7.77 23.92
CA ALA C 244 15.54 -6.48 23.73
C ALA C 244 14.55 -5.37 23.37
N ILE C 245 13.51 -5.72 22.61
CA ILE C 245 12.52 -4.75 22.20
C ILE C 245 11.63 -4.33 23.38
N THR C 246 11.12 -5.32 24.12
CA THR C 246 10.28 -5.06 25.28
C THR C 246 11.06 -4.28 26.34
N ARG C 247 12.37 -4.54 26.42
CA ARG C 247 13.23 -3.86 27.37
C ARG C 247 13.41 -2.39 27.01
N PHE C 248 14.04 -2.14 25.85
CA PHE C 248 14.46 -0.80 25.47
C PHE C 248 13.37 -0.02 24.73
N ASP C 249 12.53 -0.73 23.98
CA ASP C 249 11.46 -0.11 23.20
C ASP C 249 12.03 1.00 22.31
N PRO C 250 12.98 0.63 21.43
CA PRO C 250 13.68 1.66 20.65
C PRO C 250 12.94 2.06 19.37
N ARG C 251 13.34 3.19 18.80
CA ARG C 251 12.74 3.68 17.57
C ARG C 251 13.58 3.30 16.35
N VAL C 252 14.59 2.47 16.57
CA VAL C 252 15.46 2.05 15.47
C VAL C 252 14.87 0.86 14.74
N GLU C 253 14.99 0.92 13.41
CA GLU C 253 14.53 -0.15 12.54
C GLU C 253 15.54 -1.28 12.52
N LEU C 254 15.05 -2.52 12.51
CA LEU C 254 15.91 -3.70 12.45
C LEU C 254 16.00 -4.24 11.02
N GLN C 255 17.21 -4.60 10.62
CA GLN C 255 17.44 -5.21 9.31
C GLN C 255 18.29 -6.46 9.47
N PHE C 256 17.86 -7.54 8.85
CA PHE C 256 18.60 -8.80 8.90
C PHE C 256 19.14 -9.16 7.53
N MET C 257 20.46 -9.26 7.43
CA MET C 257 21.13 -9.59 6.19
C MET C 257 20.75 -10.99 5.73
N TYR C 258 20.98 -11.28 4.45
CA TYR C 258 20.51 -12.54 3.88
C TYR C 258 21.51 -13.67 4.03
N GLU C 259 20.99 -14.85 4.36
CA GLU C 259 21.73 -16.09 4.27
C GLU C 259 20.74 -17.20 3.88
N PRO C 260 21.23 -18.22 3.14
CA PRO C 260 20.37 -19.23 2.53
C PRO C 260 19.28 -19.84 3.42
N SER C 261 19.64 -20.26 4.63
CA SER C 261 18.70 -20.93 5.51
C SER C 261 17.53 -20.03 5.87
N ASP C 262 17.80 -18.73 5.91
CA ASP C 262 16.76 -17.73 6.19
C ASP C 262 16.16 -17.97 7.57
N THR C 263 16.97 -18.50 8.48
CA THR C 263 16.50 -18.92 9.79
C THR C 263 16.16 -17.74 10.71
N ALA C 264 16.75 -16.57 10.43
CA ALA C 264 16.41 -15.37 11.19
C ALA C 264 14.92 -15.07 11.05
N LEU C 265 14.46 -15.04 9.80
CA LEU C 265 13.05 -14.86 9.50
C LEU C 265 12.23 -16.02 10.04
N ARG C 266 12.73 -17.23 9.82
CA ARG C 266 12.03 -18.44 10.23
C ARG C 266 11.88 -18.51 11.74
N GLY C 267 12.94 -18.19 12.46
CA GLY C 267 12.93 -18.23 13.91
C GLY C 267 11.99 -17.19 14.49
N LEU C 268 11.99 -16.00 13.88
CA LEU C 268 11.12 -14.93 14.32
C LEU C 268 9.67 -15.22 13.95
N MET C 269 9.48 -16.04 12.91
CA MET C 269 8.14 -16.44 12.50
C MET C 269 7.54 -17.43 13.51
N GLU C 270 8.36 -18.36 13.98
CA GLU C 270 7.93 -19.31 15.01
C GLU C 270 7.51 -18.60 16.28
N SER C 271 8.21 -17.52 16.61
CA SER C 271 7.88 -16.74 17.80
C SER C 271 6.53 -16.04 17.65
N GLU C 272 6.23 -15.60 16.43
CA GLU C 272 4.97 -14.92 16.15
C GLU C 272 3.81 -15.91 16.24
N1 APR D . -18.92 -24.63 -1.57
C2 APR D . -19.09 -24.23 -2.85
N3 APR D . -19.98 -23.21 -3.13
C4 APR D . -20.67 -22.62 -2.13
C5 APR D . -20.50 -23.02 -0.85
C6 APR D . -19.61 -24.05 -0.57
N6 APR D . -19.19 -24.71 0.62
N7 APR D . -21.31 -22.27 -0.05
C8 APR D . -21.98 -21.40 -0.84
N9 APR D . -21.60 -21.61 -2.14
C1' APR D . -22.03 -20.95 -3.27
C2' APR D . -23.09 -20.13 -3.12
O2' APR D . -24.29 -20.80 -3.65
C3' APR D . -22.79 -18.88 -3.96
O3' APR D . -23.33 -18.97 -5.18
O4' APR D . -20.77 -20.03 -3.84
C4' APR D . -21.19 -18.84 -4.06
C5' APR D . -20.62 -17.90 -3.03
O5' APR D . -20.89 -18.42 -1.71
PA APR D . -20.66 -17.47 -0.49
O1A APR D . -19.18 -17.35 -0.21
O2A APR D . -21.36 -17.98 0.70
O3A APR D . -21.26 -16.04 -0.89
PB APR D . -20.46 -14.65 -0.90
O1B APR D . -19.62 -14.53 -2.17
O2B APR D . -21.50 -13.53 -0.85
O5D APR D . -19.53 -14.56 0.38
C5D APR D . -20.16 -14.06 1.54
O4D APR D . -19.36 -15.87 2.75
O1D APR D . -17.44 -17.15 1.96
C1D APR D . -17.81 -16.28 2.97
O2D APR D . -16.21 -15.13 4.18
C2D APR D . -17.06 -15.17 2.95
O3D APR D . -17.87 -13.32 4.12
C3D APR D . -18.00 -14.01 2.94
C4D APR D . -19.45 -14.60 2.82
N1 APR E . -10.68 18.63 3.83
C2 APR E . -9.86 19.54 3.26
N3 APR E . -8.76 19.13 2.56
C4 APR E . -8.49 17.80 2.44
C5 APR E . -9.30 16.89 3.02
C6 APR E . -10.41 17.32 3.72
N6 APR E . -11.46 16.66 4.43
N7 APR E . -8.81 15.64 2.75
C8 APR E . -7.68 15.80 2.01
N9 APR E . -7.46 17.13 1.82
C1' APR E . -6.44 17.74 1.12
C2' APR E . -5.39 16.96 0.80
O2' APR E . -4.15 17.59 1.28
C3' APR E . -5.34 16.88 -0.73
O3' APR E . -4.26 17.54 -1.17
O4' APR E . -7.02 18.38 -0.29
C4' APR E . -6.68 17.59 -1.24
C5' APR E . -7.83 16.62 -1.50
O5' APR E . -7.36 15.28 -1.71
PA APR E . -8.39 14.19 -2.18
O1A APR E . -9.66 14.31 -1.34
O2A APR E . -7.80 12.85 -1.97
O3A APR E . -8.74 14.41 -3.73
PB APR E . -8.39 13.34 -4.86
O1B APR E . -6.89 13.08 -4.89
O2B APR E . -8.87 13.85 -6.22
O5D APR E . -9.14 11.98 -4.52
C5D APR E . -10.29 11.69 -5.28
O4D APR E . -10.82 10.33 -3.46
O1D APR E . -12.29 11.05 -1.67
C1D APR E . -12.26 10.22 -2.76
O2D APR E . -14.39 9.73 -3.58
C2D APR E . -13.18 10.62 -3.64
O3D APR E . -12.97 9.37 -5.61
C3D APR E . -12.54 10.50 -4.99
C4D APR E . -10.99 10.41 -4.72
#